data_1HX2
#
_entry.id   1HX2
#
_cell.length_a   1.000
_cell.length_b   1.000
_cell.length_c   1.000
_cell.angle_alpha   90.00
_cell.angle_beta   90.00
_cell.angle_gamma   90.00
#
_symmetry.space_group_name_H-M   'P 1'
#
_entity_poly.entity_id   1
_entity_poly.type   'polypeptide(L)'
_entity_poly.pdbx_seq_one_letter_code
;NFVCPPGQTFQTCASSCPKTCETRNKLVLCDKKCNQRCGCISGTVLKSKDSSECVHPSKC
;
_entity_poly.pdbx_strand_id   A
#
# COMPACT_ATOMS: atom_id res chain seq x y z
N ASN A 1 -12.31 15.22 5.78
CA ASN A 1 -10.86 14.89 5.92
C ASN A 1 -10.61 13.41 5.62
N PHE A 2 -9.37 13.06 5.51
CA PHE A 2 -8.96 11.65 5.21
C PHE A 2 -7.50 11.47 5.63
N VAL A 3 -7.31 10.57 6.57
CA VAL A 3 -5.93 10.27 7.10
C VAL A 3 -5.73 8.75 7.14
N CYS A 4 -4.51 8.40 6.83
CA CYS A 4 -4.05 6.98 6.79
C CYS A 4 -3.76 6.46 8.21
N PRO A 5 -3.32 5.23 8.31
CA PRO A 5 -2.44 4.77 9.39
C PRO A 5 -0.95 4.91 9.04
N PRO A 6 -0.10 4.66 10.00
CA PRO A 6 1.36 4.65 9.83
C PRO A 6 1.79 3.76 8.66
N GLY A 7 2.81 4.20 7.96
CA GLY A 7 3.32 3.42 6.80
C GLY A 7 2.53 3.62 5.49
N GLN A 8 1.34 4.17 5.58
CA GLN A 8 0.53 4.38 4.33
C GLN A 8 0.29 5.88 4.07
N THR A 9 0.24 6.22 2.80
CA THR A 9 0.02 7.64 2.34
C THR A 9 -1.19 7.77 1.39
N PHE A 10 -1.71 8.97 1.32
CA PHE A 10 -2.89 9.27 0.44
C PHE A 10 -2.43 9.17 -1.03
N GLN A 11 -3.29 8.62 -1.85
CA GLN A 11 -3.00 8.44 -3.29
C GLN A 11 -4.31 8.60 -4.02
N THR A 12 -4.22 9.28 -5.14
CA THR A 12 -5.41 9.52 -5.98
C THR A 12 -5.74 8.26 -6.78
N CYS A 13 -4.71 7.54 -7.14
CA CYS A 13 -4.89 6.29 -7.93
C CYS A 13 -4.40 5.07 -7.15
N ALA A 14 -5.28 4.47 -6.39
CA ALA A 14 -4.87 3.27 -5.60
C ALA A 14 -6.03 2.40 -5.11
N SER A 15 -6.29 1.41 -5.92
CA SER A 15 -7.39 0.41 -5.68
C SER A 15 -7.40 -0.21 -4.28
N SER A 16 -8.53 -0.79 -3.95
CA SER A 16 -8.73 -1.45 -2.62
C SER A 16 -8.18 -2.89 -2.64
N CYS A 17 -7.21 -3.10 -3.49
CA CYS A 17 -6.54 -4.44 -3.64
C CYS A 17 -5.06 -4.40 -3.16
N PRO A 18 -4.90 -4.25 -1.86
CA PRO A 18 -3.63 -3.78 -1.27
C PRO A 18 -2.45 -4.71 -1.50
N LYS A 19 -1.28 -4.11 -1.55
CA LYS A 19 -0.04 -4.91 -1.76
C LYS A 19 0.52 -5.19 -0.37
N THR A 20 1.19 -6.30 -0.29
CA THR A 20 1.81 -6.75 0.99
C THR A 20 3.13 -7.46 0.67
N CYS A 21 3.78 -7.97 1.68
CA CYS A 21 5.07 -8.70 1.45
C CYS A 21 4.82 -9.86 0.47
N GLU A 22 3.58 -10.27 0.42
CA GLU A 22 3.19 -11.38 -0.50
C GLU A 22 3.43 -10.92 -1.96
N THR A 23 2.97 -9.74 -2.26
CA THR A 23 3.13 -9.17 -3.64
C THR A 23 4.49 -8.51 -3.89
N ARG A 24 4.71 -7.31 -3.36
CA ARG A 24 6.00 -6.57 -3.55
C ARG A 24 6.27 -6.14 -5.01
N ASN A 25 5.43 -6.65 -5.85
CA ASN A 25 5.48 -6.40 -7.31
C ASN A 25 5.13 -4.95 -7.71
N LYS A 26 4.20 -4.34 -7.03
CA LYS A 26 3.78 -2.94 -7.34
C LYS A 26 4.38 -1.98 -6.33
N LEU A 27 4.69 -0.82 -6.86
CA LEU A 27 5.30 0.30 -6.06
C LEU A 27 4.22 1.35 -5.72
N VAL A 28 3.07 0.78 -5.54
CA VAL A 28 1.79 1.48 -5.20
C VAL A 28 0.88 0.43 -4.61
N LEU A 29 0.01 0.89 -3.75
CA LEU A 29 -0.96 -0.01 -3.07
C LEU A 29 -1.44 -1.16 -3.96
N CYS A 30 -1.76 -0.75 -5.16
CA CYS A 30 -2.25 -1.67 -6.21
C CYS A 30 -2.28 -0.85 -7.52
N ASP A 31 -2.61 -1.48 -8.63
CA ASP A 31 -2.64 -0.71 -9.92
C ASP A 31 -3.85 -0.95 -10.83
N LYS A 32 -4.57 -2.02 -10.62
CA LYS A 32 -5.77 -2.29 -11.48
C LYS A 32 -6.89 -1.23 -11.41
N LYS A 33 -6.74 -0.28 -10.52
CA LYS A 33 -7.77 0.80 -10.36
C LYS A 33 -7.24 1.98 -9.55
N CYS A 34 -7.82 3.11 -9.87
CA CYS A 34 -7.46 4.40 -9.21
C CYS A 34 -8.44 4.95 -8.17
N ASN A 35 -8.31 4.43 -6.98
CA ASN A 35 -9.20 4.89 -5.85
C ASN A 35 -8.46 6.03 -5.12
N GLN A 36 -9.19 7.07 -4.81
CA GLN A 36 -8.60 8.25 -4.11
C GLN A 36 -8.81 8.03 -2.59
N ARG A 37 -7.96 7.17 -2.09
CA ARG A 37 -7.96 6.78 -0.65
C ARG A 37 -6.48 6.71 -0.24
N CYS A 38 -6.18 5.89 0.73
CA CYS A 38 -4.75 5.76 1.17
C CYS A 38 -4.10 4.57 0.47
N GLY A 39 -2.83 4.37 0.74
CA GLY A 39 -2.06 3.25 0.13
C GLY A 39 -0.59 3.35 0.52
N CYS A 40 0.04 2.21 0.75
CA CYS A 40 1.47 2.14 1.16
C CYS A 40 2.41 3.10 0.45
N ILE A 41 3.55 3.28 1.07
CA ILE A 41 4.58 4.19 0.49
C ILE A 41 5.00 3.56 -0.85
N SER A 42 5.47 4.41 -1.74
CA SER A 42 5.91 3.92 -3.07
C SER A 42 7.32 3.33 -2.89
N GLY A 43 7.30 2.05 -2.58
CA GLY A 43 8.55 1.28 -2.35
C GLY A 43 8.29 0.24 -1.25
N THR A 44 7.24 0.46 -0.50
CA THR A 44 6.88 -0.47 0.61
C THR A 44 5.73 -1.40 0.20
N VAL A 45 5.23 -2.11 1.18
CA VAL A 45 4.11 -3.08 1.04
C VAL A 45 3.48 -3.27 2.41
N LEU A 46 2.17 -3.27 2.45
CA LEU A 46 1.44 -3.44 3.74
C LEU A 46 1.86 -4.80 4.32
N LYS A 47 2.79 -4.75 5.24
CA LYS A 47 3.38 -5.94 5.96
C LYS A 47 2.72 -7.30 5.65
N SER A 48 1.45 -7.39 5.94
CA SER A 48 0.70 -8.66 5.69
C SER A 48 -0.60 -8.38 4.94
N LYS A 49 -1.26 -9.48 4.66
CA LYS A 49 -2.56 -9.50 3.92
C LYS A 49 -3.46 -8.30 4.22
N ASP A 50 -3.31 -7.78 5.42
CA ASP A 50 -4.12 -6.60 5.85
C ASP A 50 -3.57 -6.02 7.15
N SER A 51 -2.32 -5.62 7.11
CA SER A 51 -1.67 -5.03 8.32
C SER A 51 -2.09 -3.55 8.43
N SER A 52 -1.27 -2.73 9.05
CA SER A 52 -1.56 -1.28 9.23
C SER A 52 -0.23 -0.50 9.22
N GLU A 53 0.76 -1.10 8.61
CA GLU A 53 2.11 -0.47 8.52
C GLU A 53 2.77 -1.14 7.30
N CYS A 54 3.32 -0.34 6.44
CA CYS A 54 3.98 -0.88 5.22
C CYS A 54 5.51 -0.91 5.33
N VAL A 55 6.02 -2.09 5.08
CA VAL A 55 7.50 -2.38 5.12
C VAL A 55 8.01 -2.59 3.70
N HIS A 56 9.30 -2.43 3.51
CA HIS A 56 9.89 -2.62 2.14
C HIS A 56 10.01 -4.13 1.86
N PRO A 57 10.08 -4.50 0.60
CA PRO A 57 10.36 -5.89 0.20
C PRO A 57 11.71 -6.37 0.78
N SER A 58 12.60 -5.42 0.93
CA SER A 58 13.96 -5.71 1.49
C SER A 58 13.90 -6.07 2.98
N LYS A 59 12.86 -5.62 3.64
CA LYS A 59 12.68 -5.91 5.10
C LYS A 59 11.95 -7.23 5.21
N CYS A 60 10.87 -7.27 4.47
CA CYS A 60 10.00 -8.46 4.44
C CYS A 60 10.78 -9.80 4.37
N ASN A 1 -9.51 13.72 0.50
CA ASN A 1 -8.73 13.59 1.75
C ASN A 1 -9.00 12.22 2.37
N PHE A 2 -7.95 11.46 2.57
CA PHE A 2 -8.07 10.10 3.16
C PHE A 2 -6.93 9.81 4.13
N VAL A 3 -7.31 9.82 5.38
CA VAL A 3 -6.37 9.56 6.50
C VAL A 3 -5.87 8.10 6.45
N CYS A 4 -4.66 7.95 6.95
CA CYS A 4 -3.99 6.62 7.00
C CYS A 4 -3.63 6.22 8.44
N PRO A 5 -3.15 5.00 8.60
CA PRO A 5 -2.29 4.61 9.72
C PRO A 5 -0.79 4.76 9.39
N PRO A 6 0.05 4.46 10.34
CA PRO A 6 1.52 4.39 10.13
C PRO A 6 1.89 3.54 8.91
N GLY A 7 2.95 3.91 8.26
CA GLY A 7 3.40 3.15 7.05
C GLY A 7 2.58 3.44 5.79
N GLN A 8 1.52 4.20 5.92
CA GLN A 8 0.67 4.52 4.73
C GLN A 8 0.46 6.03 4.61
N THR A 9 0.33 6.45 3.38
CA THR A 9 0.12 7.89 3.04
C THR A 9 -0.94 7.99 1.92
N PHE A 10 -1.18 9.20 1.48
CA PHE A 10 -2.19 9.44 0.41
C PHE A 10 -1.74 8.76 -0.90
N GLN A 11 -2.72 8.52 -1.74
CA GLN A 11 -2.49 7.86 -3.06
C GLN A 11 -3.41 8.53 -4.08
N THR A 12 -3.20 8.21 -5.34
CA THR A 12 -4.04 8.80 -6.43
C THR A 12 -4.71 7.68 -7.25
N CYS A 13 -3.95 6.70 -7.63
CA CYS A 13 -4.52 5.58 -8.43
C CYS A 13 -4.19 4.18 -7.90
N ALA A 14 -4.96 3.71 -6.96
CA ALA A 14 -4.68 2.35 -6.41
C ALA A 14 -5.87 1.70 -5.68
N SER A 15 -6.34 0.65 -6.30
CA SER A 15 -7.50 -0.17 -5.82
C SER A 15 -7.38 -0.67 -4.36
N SER A 16 -8.50 -1.16 -3.88
CA SER A 16 -8.62 -1.71 -2.50
C SER A 16 -8.14 -3.18 -2.45
N CYS A 17 -7.29 -3.51 -3.39
CA CYS A 17 -6.70 -4.89 -3.48
C CYS A 17 -5.21 -4.87 -3.09
N PRO A 18 -4.96 -4.74 -1.80
CA PRO A 18 -3.70 -4.22 -1.24
C PRO A 18 -2.42 -4.90 -1.73
N LYS A 19 -1.36 -4.14 -1.67
CA LYS A 19 -0.02 -4.59 -2.09
C LYS A 19 0.69 -4.83 -0.76
N THR A 20 1.09 -6.05 -0.58
CA THR A 20 1.79 -6.44 0.68
C THR A 20 3.13 -7.13 0.36
N CYS A 21 3.76 -7.64 1.39
CA CYS A 21 5.07 -8.34 1.18
C CYS A 21 4.83 -9.54 0.25
N GLU A 22 3.59 -9.97 0.23
CA GLU A 22 3.18 -11.11 -0.62
C GLU A 22 3.37 -10.70 -2.10
N THR A 23 2.93 -9.49 -2.40
CA THR A 23 3.06 -8.95 -3.79
C THR A 23 4.43 -8.30 -4.05
N ARG A 24 4.62 -7.08 -3.59
CA ARG A 24 5.92 -6.33 -3.80
C ARG A 24 6.19 -5.96 -5.26
N ASN A 25 5.41 -6.56 -6.10
CA ASN A 25 5.48 -6.38 -7.57
C ASN A 25 5.19 -4.93 -8.00
N LYS A 26 4.11 -4.37 -7.53
CA LYS A 26 3.74 -2.97 -7.89
C LYS A 26 4.39 -2.02 -6.88
N LEU A 27 4.16 -0.76 -7.15
CA LEU A 27 4.70 0.35 -6.29
C LEU A 27 3.53 1.27 -5.87
N VAL A 28 2.43 0.59 -5.69
CA VAL A 28 1.13 1.19 -5.28
C VAL A 28 0.29 0.14 -4.58
N LEU A 29 -0.60 0.62 -3.75
CA LEU A 29 -1.50 -0.29 -2.98
C LEU A 29 -2.06 -1.40 -3.87
N CYS A 30 -2.28 -1.04 -5.09
CA CYS A 30 -2.82 -1.97 -6.12
C CYS A 30 -2.93 -1.13 -7.42
N ASP A 31 -3.23 -1.78 -8.52
CA ASP A 31 -3.35 -1.03 -9.82
C ASP A 31 -4.65 -1.34 -10.57
N LYS A 32 -5.40 -2.28 -10.05
CA LYS A 32 -6.70 -2.69 -10.67
C LYS A 32 -7.73 -1.55 -10.77
N LYS A 33 -7.48 -0.48 -10.05
CA LYS A 33 -8.42 0.70 -10.07
C LYS A 33 -7.71 1.92 -9.50
N CYS A 34 -8.16 3.08 -9.95
CA CYS A 34 -7.55 4.34 -9.47
C CYS A 34 -8.31 5.06 -8.33
N ASN A 35 -8.03 4.56 -7.16
CA ASN A 35 -8.67 5.12 -5.92
C ASN A 35 -7.69 6.16 -5.35
N GLN A 36 -8.15 7.39 -5.26
CA GLN A 36 -7.30 8.49 -4.72
C GLN A 36 -7.63 8.66 -3.23
N ARG A 37 -7.10 7.72 -2.51
CA ARG A 37 -7.26 7.64 -1.02
C ARG A 37 -5.96 7.17 -0.39
N CYS A 38 -6.05 6.43 0.69
CA CYS A 38 -4.79 5.94 1.36
C CYS A 38 -4.22 4.64 0.74
N GLY A 39 -2.98 4.39 1.08
CA GLY A 39 -2.22 3.20 0.60
C GLY A 39 -0.77 3.31 1.10
N CYS A 40 -0.03 2.22 1.06
CA CYS A 40 1.39 2.28 1.52
C CYS A 40 2.22 3.30 0.75
N ILE A 41 3.36 3.58 1.32
CA ILE A 41 4.28 4.56 0.69
C ILE A 41 4.78 3.88 -0.60
N SER A 42 5.19 4.67 -1.55
CA SER A 42 5.71 4.11 -2.83
C SER A 42 7.14 3.62 -2.57
N GLY A 43 7.18 2.38 -2.16
CA GLY A 43 8.46 1.69 -1.83
C GLY A 43 8.21 0.70 -0.70
N THR A 44 7.13 0.92 0.02
CA THR A 44 6.76 0.02 1.16
C THR A 44 5.48 -0.72 0.83
N VAL A 45 5.43 -1.92 1.36
CA VAL A 45 4.26 -2.83 1.18
C VAL A 45 3.62 -3.14 2.52
N LEU A 46 2.31 -3.09 2.52
CA LEU A 46 1.51 -3.37 3.74
C LEU A 46 1.93 -4.76 4.24
N LYS A 47 2.80 -4.75 5.24
CA LYS A 47 3.35 -5.98 5.88
C LYS A 47 2.66 -7.32 5.53
N SER A 48 1.37 -7.36 5.73
CA SER A 48 0.57 -8.58 5.42
C SER A 48 -0.69 -8.25 4.64
N LYS A 49 -1.34 -9.31 4.22
CA LYS A 49 -2.61 -9.29 3.42
C LYS A 49 -3.45 -8.07 3.78
N ASP A 50 -3.45 -7.77 5.05
CA ASP A 50 -4.23 -6.60 5.54
C ASP A 50 -3.69 -6.13 6.92
N SER A 51 -2.47 -5.68 6.88
CA SER A 51 -1.80 -5.19 8.13
C SER A 51 -2.21 -3.70 8.30
N SER A 52 -1.39 -2.93 8.99
CA SER A 52 -1.67 -1.48 9.22
C SER A 52 -0.39 -0.67 8.94
N GLU A 53 0.73 -1.36 9.02
CA GLU A 53 2.07 -0.73 8.78
C GLU A 53 2.64 -1.36 7.51
N CYS A 54 3.43 -0.57 6.82
CA CYS A 54 4.08 -1.03 5.56
C CYS A 54 5.60 -1.04 5.75
N VAL A 55 6.21 -2.03 5.15
CA VAL A 55 7.68 -2.24 5.20
C VAL A 55 8.19 -2.50 3.78
N HIS A 56 9.35 -2.00 3.46
CA HIS A 56 9.92 -2.22 2.10
C HIS A 56 10.06 -3.72 1.78
N PRO A 57 10.09 -4.08 0.51
CA PRO A 57 10.31 -5.47 0.09
C PRO A 57 11.62 -6.04 0.65
N SER A 58 12.55 -5.14 0.83
CA SER A 58 13.90 -5.50 1.38
C SER A 58 13.85 -5.84 2.87
N LYS A 59 12.85 -5.31 3.54
CA LYS A 59 12.69 -5.55 5.01
C LYS A 59 11.91 -6.85 5.19
N CYS A 60 10.80 -6.87 4.50
CA CYS A 60 9.88 -8.02 4.51
C CYS A 60 10.57 -9.39 4.65
N ASN A 1 -12.60 10.35 7.19
CA ASN A 1 -12.11 10.01 5.83
C ASN A 1 -11.32 8.69 5.87
N PHE A 2 -10.65 8.38 4.79
CA PHE A 2 -9.84 7.12 4.69
C PHE A 2 -8.45 7.26 5.37
N VAL A 3 -8.41 8.06 6.41
CA VAL A 3 -7.14 8.30 7.17
C VAL A 3 -6.48 6.97 7.56
N CYS A 4 -5.18 6.94 7.37
CA CYS A 4 -4.36 5.73 7.69
C CYS A 4 -3.13 5.95 8.59
N PRO A 5 -2.56 4.85 9.06
CA PRO A 5 -1.43 4.90 10.01
C PRO A 5 -0.12 5.37 9.33
N PRO A 6 0.93 5.57 10.09
CA PRO A 6 2.25 6.02 9.59
C PRO A 6 2.72 5.30 8.32
N GLY A 7 2.82 4.00 8.43
CA GLY A 7 3.28 3.14 7.28
C GLY A 7 2.48 3.37 5.99
N GLN A 8 1.29 3.89 6.14
CA GLN A 8 0.39 4.16 4.99
C GLN A 8 0.12 5.66 4.83
N THR A 9 -0.28 6.02 3.65
CA THR A 9 -0.59 7.44 3.33
C THR A 9 -1.48 7.46 2.09
N PHE A 10 -1.75 8.65 1.62
CA PHE A 10 -2.60 8.83 0.41
C PHE A 10 -1.99 8.04 -0.77
N GLN A 11 -2.86 7.66 -1.67
CA GLN A 11 -2.43 6.88 -2.87
C GLN A 11 -3.38 7.43 -3.94
N THR A 12 -2.85 8.02 -4.98
CA THR A 12 -3.75 8.57 -6.04
C THR A 12 -4.29 7.51 -6.99
N CYS A 13 -3.43 6.65 -7.50
CA CYS A 13 -3.94 5.59 -8.43
C CYS A 13 -3.79 4.18 -7.88
N ALA A 14 -4.83 3.73 -7.25
CA ALA A 14 -4.82 2.36 -6.67
C ALA A 14 -6.22 1.85 -6.37
N SER A 15 -6.49 0.64 -6.76
CA SER A 15 -7.83 0.03 -6.54
C SER A 15 -7.99 -0.29 -5.03
N SER A 16 -8.61 -1.40 -4.73
CA SER A 16 -8.82 -1.83 -3.34
C SER A 16 -8.06 -3.14 -3.09
N CYS A 17 -7.05 -3.42 -3.89
CA CYS A 17 -6.29 -4.71 -3.67
C CYS A 17 -4.89 -4.42 -3.03
N PRO A 18 -4.84 -4.18 -1.74
CA PRO A 18 -3.62 -3.62 -1.09
C PRO A 18 -2.35 -4.40 -1.33
N LYS A 19 -1.28 -3.66 -1.54
CA LYS A 19 0.01 -4.33 -1.77
C LYS A 19 0.53 -4.74 -0.41
N THR A 20 1.34 -5.75 -0.43
CA THR A 20 1.93 -6.29 0.83
C THR A 20 3.24 -7.02 0.52
N CYS A 21 3.83 -7.58 1.55
CA CYS A 21 5.12 -8.33 1.34
C CYS A 21 4.85 -9.50 0.38
N GLU A 22 3.59 -9.82 0.27
CA GLU A 22 3.16 -10.93 -0.63
C GLU A 22 3.01 -10.26 -2.01
N THR A 23 2.16 -9.26 -1.98
CA THR A 23 1.81 -8.44 -3.16
C THR A 23 2.78 -7.26 -3.39
N ARG A 24 4.04 -7.61 -3.47
CA ARG A 24 5.14 -6.61 -3.69
C ARG A 24 5.24 -6.14 -5.14
N ASN A 25 4.51 -6.83 -5.95
CA ASN A 25 4.45 -6.57 -7.41
C ASN A 25 4.46 -5.11 -7.87
N LYS A 26 3.99 -4.21 -7.06
CA LYS A 26 3.98 -2.76 -7.42
C LYS A 26 4.03 -1.89 -6.16
N LEU A 27 4.61 -0.72 -6.33
CA LEU A 27 4.77 0.27 -5.22
C LEU A 27 3.56 1.21 -5.05
N VAL A 28 2.43 0.56 -5.12
CA VAL A 28 1.09 1.21 -4.98
C VAL A 28 0.16 0.18 -4.39
N LEU A 29 -0.80 0.65 -3.63
CA LEU A 29 -1.77 -0.29 -3.00
C LEU A 29 -2.22 -1.33 -4.02
N CYS A 30 -2.64 -0.82 -5.13
CA CYS A 30 -3.12 -1.67 -6.26
C CYS A 30 -2.92 -0.87 -7.55
N ASP A 31 -3.20 -1.48 -8.68
CA ASP A 31 -3.01 -0.76 -9.99
C ASP A 31 -4.16 -0.87 -10.99
N LYS A 32 -4.88 -1.95 -10.92
CA LYS A 32 -6.03 -2.20 -11.85
C LYS A 32 -7.04 -1.03 -11.91
N LYS A 33 -7.00 -0.18 -10.91
CA LYS A 33 -7.92 1.00 -10.86
C LYS A 33 -7.20 2.12 -10.11
N CYS A 34 -7.61 3.33 -10.39
CA CYS A 34 -7.00 4.53 -9.74
C CYS A 34 -7.91 5.22 -8.73
N ASN A 35 -7.96 4.65 -7.57
CA ASN A 35 -8.82 5.22 -6.46
C ASN A 35 -7.90 6.16 -5.67
N GLN A 36 -8.37 7.37 -5.43
CA GLN A 36 -7.56 8.36 -4.67
C GLN A 36 -7.91 8.17 -3.17
N ARG A 37 -7.34 7.13 -2.63
CA ARG A 37 -7.56 6.78 -1.18
C ARG A 37 -6.23 6.33 -0.56
N CYS A 38 -6.32 5.81 0.64
CA CYS A 38 -5.12 5.31 1.39
C CYS A 38 -4.34 4.24 0.60
N GLY A 39 -3.16 3.93 1.09
CA GLY A 39 -2.30 2.91 0.45
C GLY A 39 -0.88 3.08 0.96
N CYS A 40 -0.15 2.00 1.11
CA CYS A 40 1.25 2.11 1.60
C CYS A 40 2.04 3.09 0.74
N ILE A 41 3.14 3.51 1.28
CA ILE A 41 3.97 4.49 0.52
C ILE A 41 4.66 3.78 -0.66
N SER A 42 5.06 4.59 -1.60
CA SER A 42 5.74 4.08 -2.82
C SER A 42 7.18 3.72 -2.46
N GLY A 43 7.31 2.45 -2.18
CA GLY A 43 8.62 1.85 -1.79
C GLY A 43 8.32 0.77 -0.75
N THR A 44 7.25 1.01 -0.01
CA THR A 44 6.83 0.05 1.05
C THR A 44 5.71 -0.85 0.51
N VAL A 45 5.24 -1.67 1.40
CA VAL A 45 4.13 -2.65 1.16
C VAL A 45 3.55 -3.00 2.53
N LEU A 46 2.25 -3.04 2.59
CA LEU A 46 1.54 -3.37 3.88
C LEU A 46 2.06 -4.73 4.36
N LYS A 47 2.94 -4.65 5.33
CA LYS A 47 3.61 -5.83 5.99
C LYS A 47 2.99 -7.21 5.70
N SER A 48 1.70 -7.33 5.87
CA SER A 48 1.01 -8.64 5.61
C SER A 48 -0.25 -8.40 4.79
N LYS A 49 -0.90 -9.50 4.48
CA LYS A 49 -2.16 -9.50 3.68
C LYS A 49 -3.10 -8.36 4.09
N ASP A 50 -2.99 -7.97 5.34
CA ASP A 50 -3.85 -6.87 5.88
C ASP A 50 -3.29 -6.38 7.23
N SER A 51 -2.07 -5.90 7.21
CA SER A 51 -1.41 -5.40 8.45
C SER A 51 -1.89 -3.94 8.68
N SER A 52 -1.11 -3.15 9.37
CA SER A 52 -1.46 -1.72 9.66
C SER A 52 -0.15 -0.89 9.65
N GLU A 53 0.90 -1.49 9.16
CA GLU A 53 2.23 -0.82 9.09
C GLU A 53 2.84 -1.36 7.77
N CYS A 54 3.50 -0.50 7.03
CA CYS A 54 4.10 -0.93 5.73
C CYS A 54 5.64 -0.94 5.78
N VAL A 55 6.19 -1.99 5.24
CA VAL A 55 7.67 -2.21 5.17
C VAL A 55 8.10 -2.35 3.70
N HIS A 56 9.35 -2.14 3.43
CA HIS A 56 9.85 -2.27 2.03
C HIS A 56 10.00 -3.77 1.67
N PRO A 57 9.98 -4.08 0.40
CA PRO A 57 10.15 -5.48 -0.07
C PRO A 57 11.50 -6.06 0.36
N SER A 58 12.44 -5.15 0.52
CA SER A 58 13.82 -5.51 0.94
C SER A 58 13.88 -5.92 2.43
N LYS A 59 12.93 -5.42 3.18
CA LYS A 59 12.86 -5.73 4.64
C LYS A 59 12.10 -7.03 4.79
N CYS A 60 10.98 -7.03 4.13
CA CYS A 60 10.06 -8.20 4.13
C CYS A 60 10.79 -9.55 4.05
N ASN A 1 -9.34 15.44 6.30
CA ASN A 1 -10.62 14.68 6.41
C ASN A 1 -10.39 13.19 6.08
N PHE A 2 -9.15 12.83 5.90
CA PHE A 2 -8.79 11.42 5.58
C PHE A 2 -7.28 11.25 5.81
N VAL A 3 -6.94 10.35 6.72
CA VAL A 3 -5.51 10.08 7.05
C VAL A 3 -5.30 8.57 7.28
N CYS A 4 -4.11 8.16 6.94
CA CYS A 4 -3.67 6.74 7.06
C CYS A 4 -3.27 6.39 8.51
N PRO A 5 -2.82 5.17 8.71
CA PRO A 5 -1.92 4.82 9.81
C PRO A 5 -0.44 4.93 9.41
N PRO A 6 0.44 4.69 10.35
CA PRO A 6 1.89 4.58 10.10
C PRO A 6 2.20 3.62 8.95
N GLY A 7 3.20 3.95 8.18
CA GLY A 7 3.58 3.09 7.03
C GLY A 7 2.76 3.32 5.76
N GLN A 8 1.70 4.11 5.85
CA GLN A 8 0.86 4.38 4.65
C GLN A 8 0.54 5.87 4.54
N THR A 9 0.23 6.26 3.33
CA THR A 9 -0.12 7.67 3.00
C THR A 9 -1.24 7.68 1.95
N PHE A 10 -1.76 8.85 1.72
CA PHE A 10 -2.85 9.02 0.73
C PHE A 10 -2.29 8.65 -0.65
N GLN A 11 -3.15 8.33 -1.58
CA GLN A 11 -2.65 7.96 -2.92
C GLN A 11 -3.77 8.25 -3.89
N THR A 12 -3.33 8.52 -5.07
CA THR A 12 -4.26 8.84 -6.15
C THR A 12 -4.81 7.62 -6.89
N CYS A 13 -3.92 6.81 -7.42
CA CYS A 13 -4.40 5.61 -8.16
C CYS A 13 -4.09 4.25 -7.55
N ALA A 14 -5.08 3.72 -6.90
CA ALA A 14 -4.95 2.40 -6.25
C ALA A 14 -6.30 1.76 -5.96
N SER A 15 -6.49 0.52 -6.37
CA SER A 15 -7.79 -0.17 -6.12
C SER A 15 -7.83 -0.57 -4.63
N SER A 16 -8.30 -1.75 -4.36
CA SER A 16 -8.40 -2.28 -2.97
C SER A 16 -7.57 -3.57 -2.92
N CYS A 17 -6.57 -3.63 -3.77
CA CYS A 17 -5.70 -4.86 -3.81
C CYS A 17 -4.31 -4.53 -3.22
N PRO A 18 -4.21 -4.52 -1.90
CA PRO A 18 -3.00 -4.00 -1.23
C PRO A 18 -1.69 -4.67 -1.67
N LYS A 19 -0.70 -3.85 -1.85
CA LYS A 19 0.65 -4.30 -2.28
C LYS A 19 1.33 -4.62 -0.95
N THR A 20 1.20 -5.86 -0.59
CA THR A 20 1.79 -6.37 0.68
C THR A 20 3.11 -7.08 0.43
N CYS A 21 3.70 -7.53 1.51
CA CYS A 21 5.00 -8.25 1.41
C CYS A 21 4.87 -9.49 0.51
N GLU A 22 3.64 -9.91 0.33
CA GLU A 22 3.37 -11.09 -0.54
C GLU A 22 3.12 -10.57 -1.96
N THR A 23 2.34 -9.52 -2.00
CA THR A 23 1.96 -8.87 -3.29
C THR A 23 2.82 -7.62 -3.55
N ARG A 24 4.10 -7.81 -3.42
CA ARG A 24 5.11 -6.72 -3.64
C ARG A 24 5.26 -6.32 -5.11
N ASN A 25 4.72 -7.16 -5.93
CA ASN A 25 4.74 -6.99 -7.41
C ASN A 25 4.46 -5.58 -7.97
N LYS A 26 3.66 -4.80 -7.29
CA LYS A 26 3.35 -3.43 -7.78
C LYS A 26 4.38 -2.45 -7.20
N LEU A 27 4.08 -1.19 -7.35
CA LEU A 27 4.95 -0.07 -6.85
C LEU A 27 4.06 1.05 -6.31
N VAL A 28 2.92 0.58 -5.93
CA VAL A 28 1.76 1.34 -5.35
C VAL A 28 0.88 0.34 -4.61
N LEU A 29 0.02 0.87 -3.78
CA LEU A 29 -0.92 0.01 -2.99
C LEU A 29 -1.59 -1.00 -3.91
N CYS A 30 -1.98 -0.49 -5.03
CA CYS A 30 -2.65 -1.31 -6.09
C CYS A 30 -2.60 -0.48 -7.38
N ASP A 31 -2.83 -1.14 -8.49
CA ASP A 31 -2.78 -0.43 -9.81
C ASP A 31 -3.94 -0.75 -10.76
N LYS A 32 -4.69 -1.75 -10.42
CA LYS A 32 -5.84 -2.17 -11.27
C LYS A 32 -7.09 -1.25 -11.18
N LYS A 33 -6.92 -0.13 -10.54
CA LYS A 33 -8.02 0.88 -10.38
C LYS A 33 -7.44 2.07 -9.63
N CYS A 34 -8.01 3.22 -9.91
CA CYS A 34 -7.54 4.46 -9.25
C CYS A 34 -8.47 5.06 -8.19
N ASN A 35 -8.38 4.50 -7.02
CA ASN A 35 -9.21 4.97 -5.87
C ASN A 35 -8.40 6.06 -5.12
N GLN A 36 -9.08 7.12 -4.77
CA GLN A 36 -8.45 8.27 -4.04
C GLN A 36 -8.58 7.88 -2.55
N ARG A 37 -7.59 7.18 -2.09
CA ARG A 37 -7.59 6.73 -0.66
C ARG A 37 -6.17 6.44 -0.16
N CYS A 38 -6.10 5.85 1.00
CA CYS A 38 -4.79 5.51 1.61
C CYS A 38 -4.16 4.31 0.90
N GLY A 39 -2.88 4.15 1.14
CA GLY A 39 -2.11 3.03 0.54
C GLY A 39 -0.63 3.18 0.91
N CYS A 40 0.09 2.08 0.92
CA CYS A 40 1.54 2.16 1.27
C CYS A 40 2.25 3.14 0.35
N ILE A 41 3.35 3.61 0.84
CA ILE A 41 4.12 4.60 0.03
C ILE A 41 4.76 3.77 -1.10
N SER A 42 5.15 4.45 -2.14
CA SER A 42 5.79 3.79 -3.31
C SER A 42 7.22 3.40 -2.92
N GLY A 43 7.31 2.20 -2.42
CA GLY A 43 8.60 1.62 -1.96
C GLY A 43 8.37 0.72 -0.74
N THR A 44 7.21 0.86 -0.14
CA THR A 44 6.84 0.03 1.05
C THR A 44 5.61 -0.80 0.75
N VAL A 45 5.54 -1.91 1.45
CA VAL A 45 4.41 -2.87 1.29
C VAL A 45 3.79 -3.23 2.63
N LEU A 46 2.48 -3.15 2.64
CA LEU A 46 1.66 -3.46 3.85
C LEU A 46 2.00 -4.89 4.30
N LYS A 47 2.78 -4.97 5.35
CA LYS A 47 3.24 -6.27 5.96
C LYS A 47 2.46 -7.54 5.55
N SER A 48 1.16 -7.48 5.66
CA SER A 48 0.30 -8.65 5.29
C SER A 48 -0.90 -8.19 4.47
N LYS A 49 -1.65 -9.17 4.02
CA LYS A 49 -2.89 -8.97 3.18
C LYS A 49 -3.72 -7.77 3.61
N ASP A 50 -3.61 -7.42 4.86
CA ASP A 50 -4.38 -6.25 5.38
C ASP A 50 -3.85 -5.83 6.76
N SER A 51 -2.58 -5.52 6.79
CA SER A 51 -1.93 -5.09 8.07
C SER A 51 -2.28 -3.59 8.27
N SER A 52 -1.45 -2.87 8.97
CA SER A 52 -1.69 -1.40 9.22
C SER A 52 -0.40 -0.61 8.93
N GLU A 53 0.70 -1.31 8.91
CA GLU A 53 2.03 -0.67 8.64
C GLU A 53 2.73 -1.40 7.51
N CYS A 54 3.36 -0.61 6.67
CA CYS A 54 4.11 -1.13 5.49
C CYS A 54 5.61 -1.12 5.78
N VAL A 55 6.31 -1.92 5.02
CA VAL A 55 7.79 -2.05 5.15
C VAL A 55 8.35 -2.33 3.76
N HIS A 56 9.53 -1.83 3.47
CA HIS A 56 10.13 -2.08 2.12
C HIS A 56 10.18 -3.59 1.76
N PRO A 57 10.17 -3.89 0.48
CA PRO A 57 10.24 -5.29 0.00
C PRO A 57 11.54 -5.98 0.42
N SER A 58 12.51 -5.16 0.73
CA SER A 58 13.86 -5.65 1.15
C SER A 58 13.98 -5.91 2.67
N LYS A 59 13.00 -5.49 3.43
CA LYS A 59 13.06 -5.72 4.91
C LYS A 59 11.94 -6.63 5.43
N CYS A 60 10.87 -6.73 4.69
CA CYS A 60 9.72 -7.61 5.10
C CYS A 60 10.16 -8.96 5.70
N ASN A 1 -11.42 11.88 5.75
CA ASN A 1 -10.12 12.33 5.16
C ASN A 1 -9.43 11.13 4.51
N PHE A 2 -8.52 11.43 3.61
CA PHE A 2 -7.75 10.35 2.89
C PHE A 2 -6.49 9.96 3.67
N VAL A 3 -6.58 10.08 4.97
CA VAL A 3 -5.44 9.74 5.87
C VAL A 3 -5.23 8.23 6.02
N CYS A 4 -4.12 7.92 6.64
CA CYS A 4 -3.70 6.52 6.90
C CYS A 4 -3.32 6.32 8.37
N PRO A 5 -2.89 5.12 8.71
CA PRO A 5 -1.98 4.87 9.84
C PRO A 5 -0.50 4.96 9.41
N PRO A 6 0.39 4.79 10.36
CA PRO A 6 1.85 4.70 10.09
C PRO A 6 2.18 3.71 8.96
N GLY A 7 3.23 4.00 8.25
CA GLY A 7 3.66 3.12 7.11
C GLY A 7 2.90 3.44 5.82
N GLN A 8 1.70 3.95 5.96
CA GLN A 8 0.85 4.31 4.78
C GLN A 8 0.59 5.81 4.76
N THR A 9 0.25 6.27 3.58
CA THR A 9 -0.05 7.72 3.36
C THR A 9 -1.00 7.80 2.16
N PHE A 10 -1.24 9.00 1.69
CA PHE A 10 -2.15 9.17 0.52
C PHE A 10 -1.64 8.31 -0.65
N GLN A 11 -2.55 7.98 -1.52
CA GLN A 11 -2.21 7.14 -2.70
C GLN A 11 -3.11 7.65 -3.79
N THR A 12 -2.59 7.56 -4.97
CA THR A 12 -3.36 8.01 -6.14
C THR A 12 -4.04 6.80 -6.75
N CYS A 13 -3.28 5.74 -6.90
CA CYS A 13 -3.84 4.49 -7.48
C CYS A 13 -3.92 3.29 -6.57
N ALA A 14 -5.15 3.03 -6.21
CA ALA A 14 -5.54 1.90 -5.32
C ALA A 14 -6.89 1.29 -5.73
N SER A 15 -7.29 0.28 -4.99
CA SER A 15 -8.60 -0.41 -5.28
C SER A 15 -8.96 -1.06 -3.93
N SER A 16 -9.08 -2.37 -3.93
CA SER A 16 -9.43 -3.11 -2.68
C SER A 16 -8.36 -4.23 -2.54
N CYS A 17 -7.31 -4.06 -3.31
CA CYS A 17 -6.12 -4.99 -3.39
C CYS A 17 -4.83 -4.37 -2.83
N PRO A 18 -4.69 -4.31 -1.53
CA PRO A 18 -3.48 -3.75 -0.91
C PRO A 18 -2.19 -4.43 -1.39
N LYS A 19 -1.18 -3.62 -1.62
CA LYS A 19 0.13 -4.14 -2.08
C LYS A 19 0.86 -4.50 -0.78
N THR A 20 0.90 -5.78 -0.50
CA THR A 20 1.56 -6.28 0.74
C THR A 20 2.88 -6.98 0.41
N CYS A 21 3.51 -7.51 1.45
CA CYS A 21 4.80 -8.22 1.25
C CYS A 21 4.56 -9.40 0.30
N GLU A 22 3.31 -9.79 0.22
CA GLU A 22 2.88 -10.92 -0.65
C GLU A 22 3.07 -10.47 -2.12
N THR A 23 2.59 -9.28 -2.39
CA THR A 23 2.70 -8.71 -3.77
C THR A 23 4.08 -8.11 -4.07
N ARG A 24 4.33 -6.90 -3.63
CA ARG A 24 5.65 -6.18 -3.87
C ARG A 24 5.88 -5.82 -5.34
N ASN A 25 5.10 -6.46 -6.17
CA ASN A 25 5.14 -6.28 -7.65
C ASN A 25 4.89 -4.84 -8.12
N LYS A 26 3.90 -4.19 -7.56
CA LYS A 26 3.56 -2.80 -7.95
C LYS A 26 4.36 -1.82 -7.10
N LEU A 27 4.14 -0.58 -7.43
CA LEU A 27 4.79 0.59 -6.75
C LEU A 27 3.68 1.54 -6.29
N VAL A 28 2.58 0.89 -6.02
CA VAL A 28 1.30 1.51 -5.56
C VAL A 28 0.48 0.44 -4.84
N LEU A 29 -0.59 0.90 -4.24
CA LEU A 29 -1.51 0.01 -3.49
C LEU A 29 -2.04 -1.06 -4.46
N CYS A 30 -2.51 -0.55 -5.56
CA CYS A 30 -3.07 -1.38 -6.68
C CYS A 30 -2.81 -0.65 -8.00
N ASP A 31 -2.73 -1.41 -9.07
CA ASP A 31 -2.47 -0.84 -10.42
C ASP A 31 -3.74 -0.94 -11.28
N LYS A 32 -4.58 -1.88 -10.93
CA LYS A 32 -5.87 -2.13 -11.66
C LYS A 32 -6.78 -0.89 -11.65
N LYS A 33 -7.07 -0.42 -10.45
CA LYS A 33 -7.95 0.78 -10.27
C LYS A 33 -7.16 1.86 -9.55
N CYS A 34 -7.69 3.07 -9.62
CA CYS A 34 -7.01 4.20 -8.94
C CYS A 34 -7.85 5.06 -7.98
N ASN A 35 -8.03 4.47 -6.84
CA ASN A 35 -8.79 5.08 -5.71
C ASN A 35 -7.86 6.13 -5.07
N GLN A 36 -8.31 7.36 -5.04
CA GLN A 36 -7.47 8.46 -4.44
C GLN A 36 -7.81 8.46 -2.94
N ARG A 37 -7.15 7.56 -2.27
CA ARG A 37 -7.34 7.38 -0.79
C ARG A 37 -6.00 6.92 -0.19
N CYS A 38 -6.08 6.21 0.91
CA CYS A 38 -4.84 5.72 1.57
C CYS A 38 -4.21 4.55 0.79
N GLY A 39 -2.95 4.34 1.04
CA GLY A 39 -2.18 3.24 0.37
C GLY A 39 -0.73 3.31 0.78
N CYS A 40 -0.07 2.17 0.83
CA CYS A 40 1.38 2.15 1.21
C CYS A 40 2.15 3.08 0.30
N ILE A 41 3.21 3.59 0.84
CA ILE A 41 4.07 4.53 0.05
C ILE A 41 4.58 3.73 -1.17
N SER A 42 4.98 4.47 -2.17
CA SER A 42 5.50 3.83 -3.41
C SER A 42 6.93 3.35 -3.15
N GLY A 43 6.98 2.14 -2.66
CA GLY A 43 8.27 1.48 -2.32
C GLY A 43 8.03 0.58 -1.09
N THR A 44 6.98 0.87 -0.37
CA THR A 44 6.64 0.08 0.85
C THR A 44 5.41 -0.79 0.58
N VAL A 45 5.38 -1.88 1.28
CA VAL A 45 4.28 -2.87 1.20
C VAL A 45 3.72 -3.21 2.58
N LEU A 46 2.42 -3.21 2.66
CA LEU A 46 1.70 -3.50 3.92
C LEU A 46 2.21 -4.87 4.45
N LYS A 47 2.60 -4.88 5.70
CA LYS A 47 3.13 -6.11 6.37
C LYS A 47 2.42 -7.42 5.93
N SER A 48 1.12 -7.37 5.87
CA SER A 48 0.33 -8.59 5.46
C SER A 48 -0.90 -8.22 4.64
N LYS A 49 -1.63 -9.26 4.30
CA LYS A 49 -2.89 -9.17 3.50
C LYS A 49 -3.74 -7.95 3.85
N ASP A 50 -3.62 -7.54 5.09
CA ASP A 50 -4.38 -6.35 5.57
C ASP A 50 -3.88 -5.90 6.95
N SER A 51 -2.62 -5.54 6.99
CA SER A 51 -2.00 -5.08 8.28
C SER A 51 -2.32 -3.57 8.42
N SER A 52 -1.47 -2.84 9.11
CA SER A 52 -1.67 -1.36 9.31
C SER A 52 -0.41 -0.56 8.94
N GLU A 53 0.72 -1.21 9.03
CA GLU A 53 2.02 -0.55 8.71
C GLU A 53 2.75 -1.27 7.57
N CYS A 54 3.25 -0.47 6.66
CA CYS A 54 3.98 -0.98 5.47
C CYS A 54 5.49 -0.91 5.73
N VAL A 55 6.19 -1.69 4.94
CA VAL A 55 7.67 -1.80 5.00
C VAL A 55 8.18 -2.17 3.62
N HIS A 56 9.32 -1.66 3.25
CA HIS A 56 9.87 -2.00 1.89
C HIS A 56 10.08 -3.51 1.78
N PRO A 57 10.11 -4.03 0.57
CA PRO A 57 10.40 -5.45 0.34
C PRO A 57 11.71 -5.91 1.01
N SER A 58 12.59 -4.95 1.22
CA SER A 58 13.91 -5.25 1.87
C SER A 58 13.75 -5.64 3.35
N LYS A 59 12.67 -5.24 3.95
CA LYS A 59 12.42 -5.58 5.39
C LYS A 59 11.60 -6.87 5.39
N CYS A 60 10.59 -6.87 4.55
CA CYS A 60 9.69 -8.06 4.42
C CYS A 60 10.52 -9.36 4.22
N ASN A 1 -12.66 10.43 5.21
CA ASN A 1 -11.22 10.77 5.12
C ASN A 1 -10.42 9.51 4.77
N PHE A 2 -9.33 9.72 4.06
CA PHE A 2 -8.44 8.59 3.65
C PHE A 2 -7.26 8.51 4.61
N VAL A 3 -7.63 8.72 5.84
CA VAL A 3 -6.68 8.70 6.99
C VAL A 3 -6.14 7.29 7.20
N CYS A 4 -4.87 7.24 7.52
CA CYS A 4 -4.16 5.94 7.76
C CYS A 4 -2.88 6.01 8.60
N PRO A 5 -2.42 4.85 9.05
CA PRO A 5 -1.30 4.78 10.02
C PRO A 5 0.04 5.17 9.39
N PRO A 6 1.10 5.24 10.16
CA PRO A 6 2.46 5.58 9.68
C PRO A 6 2.85 4.97 8.32
N GLY A 7 2.79 3.66 8.27
CA GLY A 7 3.14 2.91 7.03
C GLY A 7 2.28 3.20 5.79
N GLN A 8 1.24 3.99 5.94
CA GLN A 8 0.36 4.32 4.78
C GLN A 8 -0.06 5.79 4.83
N THR A 9 -0.25 6.33 3.67
CA THR A 9 -0.66 7.76 3.54
C THR A 9 -1.48 7.87 2.26
N PHE A 10 -1.70 9.09 1.83
CA PHE A 10 -2.47 9.33 0.58
C PHE A 10 -1.85 8.52 -0.57
N GLN A 11 -2.71 8.12 -1.45
CA GLN A 11 -2.30 7.32 -2.64
C GLN A 11 -3.20 7.85 -3.74
N THR A 12 -2.63 8.34 -4.83
CA THR A 12 -3.49 8.86 -5.93
C THR A 12 -4.03 7.67 -6.72
N CYS A 13 -3.20 6.66 -6.85
CA CYS A 13 -3.61 5.43 -7.59
C CYS A 13 -3.65 4.17 -6.73
N ALA A 14 -4.89 3.83 -6.44
CA ALA A 14 -5.23 2.64 -5.63
C ALA A 14 -6.48 1.96 -6.22
N SER A 15 -7.00 1.00 -5.51
CA SER A 15 -8.22 0.28 -6.00
C SER A 15 -8.82 -0.41 -4.77
N SER A 16 -9.10 -1.68 -4.91
CA SER A 16 -9.68 -2.47 -3.81
C SER A 16 -8.76 -3.69 -3.57
N CYS A 17 -7.56 -3.64 -4.12
CA CYS A 17 -6.62 -4.80 -3.93
C CYS A 17 -5.27 -4.36 -3.31
N PRO A 18 -5.21 -4.25 -2.00
CA PRO A 18 -3.97 -3.86 -1.30
C PRO A 18 -2.83 -4.89 -1.42
N LYS A 19 -1.64 -4.40 -1.67
CA LYS A 19 -0.45 -5.28 -1.81
C LYS A 19 0.32 -5.38 -0.50
N THR A 20 1.10 -6.41 -0.46
CA THR A 20 1.94 -6.70 0.73
C THR A 20 3.29 -7.30 0.31
N CYS A 21 4.03 -7.72 1.32
CA CYS A 21 5.36 -8.33 1.09
C CYS A 21 5.15 -9.60 0.24
N GLU A 22 3.95 -10.13 0.34
CA GLU A 22 3.59 -11.35 -0.44
C GLU A 22 3.64 -10.98 -1.95
N THR A 23 2.94 -9.94 -2.31
CA THR A 23 2.92 -9.50 -3.74
C THR A 23 4.17 -8.70 -4.13
N ARG A 24 4.26 -7.46 -3.69
CA ARG A 24 5.42 -6.55 -3.98
C ARG A 24 5.44 -6.09 -5.45
N ASN A 25 4.71 -6.83 -6.23
CA ASN A 25 4.56 -6.62 -7.69
C ASN A 25 4.09 -5.19 -8.03
N LYS A 26 3.30 -4.62 -7.14
CA LYS A 26 2.75 -3.26 -7.31
C LYS A 26 3.35 -2.36 -6.22
N LEU A 27 3.89 -1.25 -6.66
CA LEU A 27 4.52 -0.25 -5.73
C LEU A 27 3.52 0.86 -5.40
N VAL A 28 2.31 0.38 -5.28
CA VAL A 28 1.07 1.16 -4.97
C VAL A 28 0.05 0.17 -4.44
N LEU A 29 -0.92 0.71 -3.74
CA LEU A 29 -2.01 -0.09 -3.13
C LEU A 29 -2.46 -1.26 -4.03
N CYS A 30 -2.87 -0.92 -5.21
CA CYS A 30 -3.33 -1.94 -6.21
C CYS A 30 -2.73 -1.67 -7.59
N ASP A 31 -3.52 -1.50 -8.63
CA ASP A 31 -2.93 -1.24 -10.00
C ASP A 31 -3.99 -1.07 -11.10
N LYS A 32 -5.00 -1.90 -11.04
CA LYS A 32 -6.10 -1.87 -12.05
C LYS A 32 -7.06 -0.67 -11.91
N LYS A 33 -6.68 0.29 -11.10
CA LYS A 33 -7.52 1.50 -10.87
C LYS A 33 -6.70 2.56 -10.12
N CYS A 34 -7.22 3.76 -10.09
CA CYS A 34 -6.53 4.88 -9.37
C CYS A 34 -7.43 5.71 -8.46
N ASN A 35 -7.73 5.07 -7.37
CA ASN A 35 -8.58 5.66 -6.30
C ASN A 35 -7.67 6.61 -5.52
N GLN A 36 -8.10 7.83 -5.34
CA GLN A 36 -7.27 8.82 -4.58
C GLN A 36 -7.66 8.65 -3.09
N ARG A 37 -7.09 7.62 -2.52
CA ARG A 37 -7.33 7.28 -1.09
C ARG A 37 -6.06 6.73 -0.41
N CYS A 38 -6.26 6.10 0.73
CA CYS A 38 -5.13 5.50 1.52
C CYS A 38 -4.39 4.39 0.76
N GLY A 39 -3.15 4.22 1.13
CA GLY A 39 -2.29 3.18 0.48
C GLY A 39 -0.86 3.32 0.97
N CYS A 40 -0.15 2.21 1.02
CA CYS A 40 1.28 2.25 1.47
C CYS A 40 2.01 3.24 0.60
N ILE A 41 3.13 3.69 1.09
CA ILE A 41 3.92 4.66 0.29
C ILE A 41 4.51 3.90 -0.91
N SER A 42 4.91 4.66 -1.89
CA SER A 42 5.50 4.07 -3.13
C SER A 42 6.90 3.53 -2.82
N GLY A 43 6.93 2.24 -2.69
CA GLY A 43 8.18 1.49 -2.38
C GLY A 43 7.89 0.52 -1.23
N THR A 44 6.93 0.89 -0.41
CA THR A 44 6.54 0.05 0.74
C THR A 44 5.29 -0.75 0.42
N VAL A 45 5.23 -1.87 1.07
CA VAL A 45 4.11 -2.85 0.93
C VAL A 45 3.55 -3.14 2.33
N LEU A 46 2.25 -3.27 2.42
CA LEU A 46 1.62 -3.56 3.75
C LEU A 46 2.14 -4.89 4.30
N LYS A 47 2.98 -4.79 5.32
CA LYS A 47 3.62 -5.95 6.03
C LYS A 47 3.05 -7.34 5.65
N SER A 48 1.80 -7.52 5.97
CA SER A 48 1.10 -8.81 5.68
C SER A 48 -0.22 -8.56 4.96
N LYS A 49 -0.82 -9.67 4.60
CA LYS A 49 -2.13 -9.74 3.87
C LYS A 49 -3.10 -8.62 4.22
N ASP A 50 -3.00 -8.15 5.44
CA ASP A 50 -3.89 -7.06 5.92
C ASP A 50 -3.37 -6.52 7.26
N SER A 51 -2.15 -6.05 7.22
CA SER A 51 -1.50 -5.49 8.45
C SER A 51 -1.92 -4.01 8.57
N SER A 52 -1.11 -3.22 9.23
CA SER A 52 -1.38 -1.75 9.41
C SER A 52 -0.15 -0.95 8.99
N GLU A 53 0.99 -1.55 9.20
CA GLU A 53 2.30 -0.91 8.85
C GLU A 53 2.83 -1.51 7.54
N CYS A 54 3.54 -0.67 6.81
CA CYS A 54 4.12 -1.09 5.50
C CYS A 54 5.64 -0.92 5.55
N VAL A 55 6.30 -1.77 4.83
CA VAL A 55 7.80 -1.78 4.75
C VAL A 55 8.20 -2.19 3.33
N HIS A 56 9.32 -1.70 2.88
CA HIS A 56 9.78 -2.07 1.51
C HIS A 56 10.04 -3.59 1.48
N PRO A 57 10.02 -4.17 0.30
CA PRO A 57 10.31 -5.62 0.16
C PRO A 57 11.68 -5.99 0.75
N SER A 58 12.52 -5.00 0.91
CA SER A 58 13.89 -5.20 1.47
C SER A 58 13.94 -5.24 3.01
N LYS A 59 12.92 -4.73 3.67
CA LYS A 59 12.90 -4.74 5.16
C LYS A 59 11.94 -5.82 5.66
N CYS A 60 11.00 -6.18 4.82
CA CYS A 60 9.99 -7.24 5.16
C CYS A 60 10.62 -8.46 5.85
N ASN A 1 -10.18 14.26 3.29
CA ASN A 1 -9.49 13.49 2.21
C ASN A 1 -9.53 12.00 2.61
N PHE A 2 -8.41 11.35 2.60
CA PHE A 2 -8.33 9.90 2.98
C PHE A 2 -7.18 9.67 3.96
N VAL A 3 -7.62 9.50 5.17
CA VAL A 3 -6.71 9.25 6.33
C VAL A 3 -6.09 7.86 6.24
N CYS A 4 -4.92 7.78 6.81
CA CYS A 4 -4.13 6.51 6.83
C CYS A 4 -3.83 6.07 8.28
N PRO A 5 -3.27 4.89 8.41
CA PRO A 5 -2.41 4.52 9.55
C PRO A 5 -0.92 4.76 9.29
N PRO A 6 -0.12 4.48 10.30
CA PRO A 6 1.34 4.42 10.17
C PRO A 6 1.78 3.43 9.10
N GLY A 7 2.66 3.92 8.26
CA GLY A 7 3.20 3.08 7.15
C GLY A 7 2.47 3.33 5.82
N GLN A 8 1.42 4.12 5.84
CA GLN A 8 0.67 4.41 4.57
C GLN A 8 0.44 5.92 4.45
N THR A 9 0.19 6.33 3.25
CA THR A 9 -0.07 7.76 2.93
C THR A 9 -1.12 7.86 1.82
N PHE A 10 -1.57 9.08 1.64
CA PHE A 10 -2.60 9.37 0.60
C PHE A 10 -1.98 9.01 -0.76
N GLN A 11 -2.82 8.67 -1.70
CA GLN A 11 -2.28 8.31 -3.05
C GLN A 11 -3.39 8.57 -4.07
N THR A 12 -2.96 8.97 -5.25
CA THR A 12 -3.93 9.27 -6.35
C THR A 12 -4.44 7.99 -7.01
N CYS A 13 -3.52 7.10 -7.27
CA CYS A 13 -3.89 5.82 -7.92
C CYS A 13 -3.79 4.68 -6.91
N ALA A 14 -4.95 4.29 -6.45
CA ALA A 14 -5.01 3.19 -5.45
C ALA A 14 -6.38 2.50 -5.46
N SER A 15 -6.38 1.24 -5.82
CA SER A 15 -7.65 0.44 -5.88
C SER A 15 -8.10 0.13 -4.43
N SER A 16 -8.58 -1.07 -4.22
CA SER A 16 -9.07 -1.55 -2.90
C SER A 16 -8.42 -2.95 -2.68
N CYS A 17 -7.41 -3.21 -3.47
CA CYS A 17 -6.65 -4.50 -3.45
C CYS A 17 -5.16 -4.32 -3.03
N PRO A 18 -4.96 -3.93 -1.78
CA PRO A 18 -3.65 -3.45 -1.28
C PRO A 18 -2.47 -4.41 -1.46
N LYS A 19 -1.33 -3.82 -1.75
CA LYS A 19 -0.09 -4.62 -1.96
C LYS A 19 0.49 -4.83 -0.56
N THR A 20 1.10 -5.96 -0.47
CA THR A 20 1.74 -6.42 0.79
C THR A 20 3.09 -7.06 0.46
N CYS A 21 3.77 -7.49 1.51
CA CYS A 21 5.10 -8.13 1.30
C CYS A 21 4.95 -9.36 0.41
N GLU A 22 3.79 -9.99 0.41
CA GLU A 22 3.67 -11.18 -0.47
C GLU A 22 3.44 -10.72 -1.93
N THR A 23 2.87 -9.54 -2.17
CA THR A 23 2.68 -9.14 -3.60
C THR A 23 3.98 -8.44 -4.06
N ARG A 24 4.25 -7.23 -3.59
CA ARG A 24 5.48 -6.44 -3.97
C ARG A 24 5.58 -6.11 -5.46
N ASN A 25 4.68 -6.70 -6.18
CA ASN A 25 4.56 -6.54 -7.64
C ASN A 25 4.20 -5.11 -8.07
N LYS A 26 3.43 -4.44 -7.25
CA LYS A 26 3.00 -3.04 -7.52
C LYS A 26 3.69 -2.11 -6.54
N LEU A 27 3.90 -0.92 -7.04
CA LEU A 27 4.56 0.17 -6.26
C LEU A 27 3.49 1.22 -5.93
N VAL A 28 2.33 0.66 -5.72
CA VAL A 28 1.06 1.38 -5.38
C VAL A 28 0.13 0.40 -4.72
N LEU A 29 -0.86 0.95 -4.05
CA LEU A 29 -1.90 0.16 -3.34
C LEU A 29 -2.20 -1.08 -4.17
N CYS A 30 -2.46 -0.79 -5.42
CA CYS A 30 -2.78 -1.85 -6.42
C CYS A 30 -2.83 -1.20 -7.81
N ASP A 31 -2.74 -2.04 -8.81
CA ASP A 31 -2.78 -1.56 -10.23
C ASP A 31 -4.16 -1.72 -10.88
N LYS A 32 -4.98 -2.54 -10.28
CA LYS A 32 -6.36 -2.79 -10.84
C LYS A 32 -7.25 -1.53 -10.91
N LYS A 33 -6.92 -0.54 -10.13
CA LYS A 33 -7.72 0.74 -10.13
C LYS A 33 -6.94 1.88 -9.46
N CYS A 34 -7.32 3.08 -9.86
CA CYS A 34 -6.69 4.32 -9.33
C CYS A 34 -7.67 5.22 -8.57
N ASN A 35 -7.93 4.82 -7.36
CA ASN A 35 -8.88 5.61 -6.49
C ASN A 35 -7.98 6.57 -5.68
N GLN A 36 -8.45 7.78 -5.47
CA GLN A 36 -7.66 8.78 -4.70
C GLN A 36 -7.96 8.48 -3.22
N ARG A 37 -7.26 7.48 -2.74
CA ARG A 37 -7.38 7.01 -1.34
C ARG A 37 -6.00 6.69 -0.78
N CYS A 38 -5.97 6.24 0.45
CA CYS A 38 -4.66 5.91 1.08
C CYS A 38 -4.13 4.56 0.56
N GLY A 39 -2.89 4.32 0.86
CA GLY A 39 -2.18 3.07 0.45
C GLY A 39 -0.71 3.19 0.86
N CYS A 40 -0.03 2.07 0.96
CA CYS A 40 1.40 2.12 1.36
C CYS A 40 2.16 3.04 0.42
N ILE A 41 3.26 3.53 0.92
CA ILE A 41 4.08 4.46 0.10
C ILE A 41 4.64 3.62 -1.08
N SER A 42 5.04 4.33 -2.11
CA SER A 42 5.59 3.68 -3.32
C SER A 42 7.04 3.27 -3.03
N GLY A 43 7.13 2.07 -2.53
CA GLY A 43 8.44 1.45 -2.16
C GLY A 43 8.21 0.54 -0.94
N THR A 44 7.14 0.81 -0.23
CA THR A 44 6.77 0.03 0.98
C THR A 44 5.53 -0.80 0.68
N VAL A 45 5.51 -1.97 1.26
CA VAL A 45 4.39 -2.92 1.10
C VAL A 45 3.80 -3.26 2.47
N LEU A 46 2.49 -3.27 2.52
CA LEU A 46 1.77 -3.59 3.80
C LEU A 46 2.23 -4.94 4.34
N LYS A 47 3.07 -4.86 5.34
CA LYS A 47 3.68 -6.05 6.05
C LYS A 47 3.08 -7.43 5.73
N SER A 48 1.80 -7.57 5.96
CA SER A 48 1.11 -8.87 5.68
C SER A 48 -0.12 -8.64 4.81
N LYS A 49 -0.75 -9.74 4.46
CA LYS A 49 -1.97 -9.73 3.60
C LYS A 49 -3.02 -8.71 4.06
N ASP A 50 -2.93 -8.32 5.31
CA ASP A 50 -3.90 -7.33 5.88
C ASP A 50 -3.37 -6.74 7.20
N SER A 51 -2.17 -6.20 7.14
CA SER A 51 -1.54 -5.60 8.36
C SER A 51 -1.98 -4.11 8.42
N SER A 52 -1.21 -3.28 9.08
CA SER A 52 -1.53 -1.82 9.21
C SER A 52 -0.23 -1.01 9.31
N GLU A 53 0.80 -1.62 8.77
CA GLU A 53 2.17 -1.03 8.75
C GLU A 53 2.82 -1.54 7.46
N CYS A 54 3.46 -0.65 6.76
CA CYS A 54 4.14 -1.04 5.48
C CYS A 54 5.65 -0.96 5.66
N VAL A 55 6.31 -1.89 5.02
CA VAL A 55 7.79 -1.98 5.07
C VAL A 55 8.29 -2.37 3.69
N HIS A 56 9.43 -1.83 3.31
CA HIS A 56 10.02 -2.13 1.98
C HIS A 56 10.17 -3.66 1.77
N PRO A 57 10.18 -4.08 0.52
CA PRO A 57 10.36 -5.51 0.19
C PRO A 57 11.75 -6.02 0.66
N SER A 58 12.64 -5.09 0.83
CA SER A 58 14.04 -5.40 1.27
C SER A 58 14.13 -5.67 2.79
N LYS A 59 13.14 -5.23 3.53
CA LYS A 59 13.13 -5.43 5.01
C LYS A 59 12.04 -6.39 5.47
N CYS A 60 11.02 -6.54 4.66
CA CYS A 60 9.89 -7.47 4.99
C CYS A 60 10.38 -8.82 5.53
N ASN A 1 -6.38 13.84 -1.28
CA ASN A 1 -6.01 13.50 0.12
C ASN A 1 -7.08 12.58 0.73
N PHE A 2 -6.64 11.80 1.69
CA PHE A 2 -7.54 10.84 2.39
C PHE A 2 -6.94 10.71 3.80
N VAL A 3 -7.05 9.53 4.35
CA VAL A 3 -6.52 9.23 5.72
C VAL A 3 -6.02 7.77 5.77
N CYS A 4 -4.99 7.60 6.56
CA CYS A 4 -4.35 6.26 6.75
C CYS A 4 -3.99 6.02 8.23
N PRO A 5 -3.43 4.86 8.52
CA PRO A 5 -2.57 4.65 9.69
C PRO A 5 -1.08 4.92 9.37
N PRO A 6 -0.23 4.75 10.35
CA PRO A 6 1.24 4.79 10.15
C PRO A 6 1.68 3.90 8.98
N GLY A 7 2.77 4.27 8.36
CA GLY A 7 3.29 3.46 7.20
C GLY A 7 2.50 3.70 5.90
N GLN A 8 1.35 4.33 6.00
CA GLN A 8 0.52 4.60 4.79
C GLN A 8 0.09 6.07 4.76
N THR A 9 -0.14 6.55 3.56
CA THR A 9 -0.58 7.97 3.33
C THR A 9 -1.51 8.00 2.10
N PHE A 10 -1.90 9.18 1.70
CA PHE A 10 -2.80 9.34 0.51
C PHE A 10 -2.16 8.67 -0.69
N GLN A 11 -2.97 8.31 -1.65
CA GLN A 11 -2.43 7.66 -2.87
C GLN A 11 -3.55 7.90 -3.90
N THR A 12 -3.18 8.31 -5.08
CA THR A 12 -4.21 8.58 -6.13
C THR A 12 -4.64 7.23 -6.72
N CYS A 13 -3.71 6.44 -7.16
CA CYS A 13 -4.05 5.11 -7.73
C CYS A 13 -3.81 4.05 -6.67
N ALA A 14 -4.85 3.83 -5.92
CA ALA A 14 -4.78 2.82 -4.83
C ALA A 14 -6.19 2.40 -4.43
N SER A 15 -6.59 1.27 -4.95
CA SER A 15 -7.95 0.73 -4.67
C SER A 15 -8.02 -0.28 -3.53
N SER A 16 -9.21 -0.82 -3.37
CA SER A 16 -9.50 -1.83 -2.32
C SER A 16 -8.64 -3.11 -2.45
N CYS A 17 -7.77 -3.10 -3.41
CA CYS A 17 -6.84 -4.25 -3.72
C CYS A 17 -5.38 -3.97 -3.23
N PRO A 18 -5.13 -4.10 -1.95
CA PRO A 18 -3.86 -3.67 -1.33
C PRO A 18 -2.58 -4.43 -1.76
N LYS A 19 -1.48 -3.78 -1.45
CA LYS A 19 -0.10 -4.28 -1.75
C LYS A 19 0.43 -4.68 -0.39
N THR A 20 1.12 -5.78 -0.36
CA THR A 20 1.68 -6.25 0.92
C THR A 20 2.99 -6.99 0.69
N CYS A 21 3.54 -7.44 1.78
CA CYS A 21 4.83 -8.19 1.76
C CYS A 21 4.67 -9.46 0.91
N GLU A 22 3.41 -9.81 0.72
CA GLU A 22 3.06 -11.01 -0.09
C GLU A 22 3.22 -10.65 -1.57
N THR A 23 2.69 -9.51 -1.99
CA THR A 23 2.83 -9.14 -3.43
C THR A 23 4.21 -8.53 -3.73
N ARG A 24 4.39 -7.26 -3.45
CA ARG A 24 5.70 -6.54 -3.71
C ARG A 24 6.02 -6.40 -5.21
N ASN A 25 5.33 -7.19 -5.98
CA ASN A 25 5.48 -7.25 -7.46
C ASN A 25 5.08 -5.94 -8.16
N LYS A 26 4.28 -5.15 -7.48
CA LYS A 26 3.83 -3.86 -8.06
C LYS A 26 4.05 -2.79 -6.98
N LEU A 27 4.61 -1.68 -7.38
CA LEU A 27 4.90 -0.56 -6.43
C LEU A 27 3.74 0.44 -6.30
N VAL A 28 2.60 -0.13 -6.08
CA VAL A 28 1.34 0.66 -5.92
C VAL A 28 0.44 -0.24 -5.09
N LEU A 29 -0.52 0.37 -4.45
CA LEU A 29 -1.46 -0.41 -3.61
C LEU A 29 -2.07 -1.54 -4.44
N CYS A 30 -2.45 -1.16 -5.63
CA CYS A 30 -3.07 -2.08 -6.63
C CYS A 30 -2.19 -2.04 -7.90
N ASP A 31 -2.79 -1.89 -9.06
CA ASP A 31 -2.00 -1.84 -10.32
C ASP A 31 -2.80 -1.26 -11.50
N LYS A 32 -4.08 -1.55 -11.49
CA LYS A 32 -5.01 -1.05 -12.56
C LYS A 32 -6.07 -0.05 -12.08
N LYS A 33 -6.62 -0.30 -10.92
CA LYS A 33 -7.69 0.64 -10.39
C LYS A 33 -7.02 1.81 -9.69
N CYS A 34 -7.73 2.91 -9.69
CA CYS A 34 -7.20 4.14 -9.04
C CYS A 34 -8.18 4.91 -8.14
N ASN A 35 -8.35 4.35 -6.98
CA ASN A 35 -9.27 4.99 -5.97
C ASN A 35 -8.38 6.03 -5.27
N GLN A 36 -8.84 7.25 -5.20
CA GLN A 36 -8.04 8.34 -4.53
C GLN A 36 -8.30 8.16 -3.02
N ARG A 37 -7.55 7.25 -2.44
CA ARG A 37 -7.68 6.96 -0.98
C ARG A 37 -6.31 6.63 -0.40
N CYS A 38 -6.29 5.86 0.65
CA CYS A 38 -4.98 5.49 1.28
C CYS A 38 -4.16 4.53 0.40
N GLY A 39 -2.90 4.43 0.73
CA GLY A 39 -1.94 3.55 0.01
C GLY A 39 -0.58 3.65 0.70
N CYS A 40 0.14 2.56 0.79
CA CYS A 40 1.47 2.61 1.47
C CYS A 40 2.35 3.61 0.73
N ILE A 41 3.46 3.90 1.33
CA ILE A 41 4.37 4.89 0.68
C ILE A 41 4.94 4.19 -0.58
N SER A 42 5.39 5.01 -1.49
CA SER A 42 5.98 4.47 -2.76
C SER A 42 7.35 3.85 -2.46
N GLY A 43 7.31 2.56 -2.24
CA GLY A 43 8.55 1.79 -1.92
C GLY A 43 8.29 0.86 -0.73
N THR A 44 7.14 1.03 -0.10
CA THR A 44 6.75 0.19 1.08
C THR A 44 5.46 -0.55 0.79
N VAL A 45 5.39 -1.72 1.38
CA VAL A 45 4.21 -2.63 1.24
C VAL A 45 3.62 -2.93 2.61
N LEU A 46 2.31 -3.02 2.64
CA LEU A 46 1.58 -3.32 3.91
C LEU A 46 2.26 -4.57 4.51
N LYS A 47 2.66 -4.47 5.75
CA LYS A 47 3.34 -5.59 6.47
C LYS A 47 2.76 -6.97 6.22
N SER A 48 1.46 -7.04 6.12
CA SER A 48 0.82 -8.36 5.86
C SER A 48 -0.38 -8.18 4.95
N LYS A 49 -1.04 -9.29 4.70
CA LYS A 49 -2.25 -9.33 3.83
C LYS A 49 -3.23 -8.19 4.17
N ASP A 50 -3.16 -7.77 5.40
CA ASP A 50 -4.04 -6.67 5.89
C ASP A 50 -3.52 -6.13 7.24
N SER A 51 -2.31 -5.60 7.24
CA SER A 51 -1.73 -5.05 8.50
C SER A 51 -2.15 -3.56 8.61
N SER A 52 -1.39 -2.77 9.33
CA SER A 52 -1.69 -1.32 9.51
C SER A 52 -0.51 -0.46 9.05
N GLU A 53 0.67 -1.03 9.07
CA GLU A 53 1.90 -0.28 8.64
C GLU A 53 2.46 -0.89 7.37
N CYS A 54 3.51 -0.30 6.86
CA CYS A 54 4.15 -0.81 5.61
C CYS A 54 5.67 -0.75 5.73
N VAL A 55 6.30 -1.76 5.19
CA VAL A 55 7.79 -1.84 5.21
C VAL A 55 8.26 -2.23 3.81
N HIS A 56 9.47 -1.85 3.50
CA HIS A 56 10.05 -2.14 2.16
C HIS A 56 10.12 -3.64 1.81
N PRO A 57 10.17 -3.93 0.51
CA PRO A 57 10.52 -5.27 0.02
C PRO A 57 11.99 -5.63 0.30
N SER A 58 12.67 -4.76 0.99
CA SER A 58 14.12 -4.98 1.33
C SER A 58 14.16 -6.16 2.33
N LYS A 59 13.18 -6.16 3.19
CA LYS A 59 13.05 -7.22 4.24
C LYS A 59 11.91 -8.16 3.82
N CYS A 60 10.85 -7.59 3.32
CA CYS A 60 9.69 -8.41 2.87
C CYS A 60 9.85 -9.01 1.47
N ASN A 1 -12.10 12.04 6.94
CA ASN A 1 -10.92 12.44 6.12
C ASN A 1 -10.24 11.20 5.53
N PHE A 2 -9.44 11.44 4.52
CA PHE A 2 -8.69 10.34 3.83
C PHE A 2 -7.41 9.97 4.58
N VAL A 3 -7.43 10.24 5.87
CA VAL A 3 -6.26 9.94 6.75
C VAL A 3 -5.87 8.46 6.68
N CYS A 4 -4.57 8.28 6.61
CA CYS A 4 -3.95 6.94 6.53
C CYS A 4 -3.75 6.30 7.92
N PRO A 5 -3.35 5.05 7.90
CA PRO A 5 -2.60 4.44 9.01
C PRO A 5 -1.08 4.56 8.81
N PRO A 6 -0.32 4.08 9.78
CA PRO A 6 1.15 4.04 9.70
C PRO A 6 1.65 3.44 8.38
N GLY A 7 2.81 3.85 7.98
CA GLY A 7 3.39 3.32 6.71
C GLY A 7 2.63 3.66 5.42
N GLN A 8 1.52 4.38 5.48
CA GLN A 8 0.77 4.69 4.22
C GLN A 8 0.54 6.20 4.00
N THR A 9 0.50 6.56 2.73
CA THR A 9 0.27 7.97 2.26
C THR A 9 -0.94 8.05 1.31
N PHE A 10 -1.52 9.22 1.21
CA PHE A 10 -2.71 9.41 0.31
C PHE A 10 -2.24 9.29 -1.15
N GLN A 11 -3.08 8.73 -1.98
CA GLN A 11 -2.76 8.54 -3.43
C GLN A 11 -4.07 8.57 -4.20
N THR A 12 -4.00 9.05 -5.42
CA THR A 12 -5.23 9.12 -6.27
C THR A 12 -5.48 7.71 -6.81
N CYS A 13 -4.41 6.99 -7.01
CA CYS A 13 -4.51 5.59 -7.52
C CYS A 13 -4.02 4.56 -6.50
N ALA A 14 -5.01 3.95 -5.91
CA ALA A 14 -4.82 2.90 -4.87
C ALA A 14 -5.98 1.92 -5.07
N SER A 15 -6.23 1.03 -4.13
CA SER A 15 -7.37 0.09 -4.36
C SER A 15 -7.68 -0.77 -3.14
N SER A 16 -8.76 -1.49 -3.27
CA SER A 16 -9.22 -2.41 -2.20
C SER A 16 -8.37 -3.72 -2.30
N CYS A 17 -7.43 -3.71 -3.23
CA CYS A 17 -6.50 -4.85 -3.50
C CYS A 17 -5.05 -4.56 -3.03
N PRO A 18 -4.83 -4.57 -1.73
CA PRO A 18 -3.62 -3.99 -1.12
C PRO A 18 -2.30 -4.61 -1.60
N LYS A 19 -1.28 -3.81 -1.50
CA LYS A 19 0.10 -4.18 -1.90
C LYS A 19 0.74 -4.63 -0.58
N THR A 20 1.06 -5.89 -0.51
CA THR A 20 1.69 -6.45 0.72
C THR A 20 2.98 -7.18 0.37
N CYS A 21 3.60 -7.74 1.39
CA CYS A 21 4.87 -8.49 1.16
C CYS A 21 4.60 -9.65 0.19
N GLU A 22 3.35 -10.00 0.11
CA GLU A 22 2.89 -11.09 -0.79
C GLU A 22 3.13 -10.63 -2.25
N THR A 23 2.67 -9.43 -2.54
CA THR A 23 2.83 -8.83 -3.90
C THR A 23 4.22 -8.23 -4.18
N ARG A 24 4.48 -7.03 -3.68
CA ARG A 24 5.79 -6.31 -3.88
C ARG A 24 6.03 -5.89 -5.34
N ASN A 25 5.21 -6.43 -6.18
CA ASN A 25 5.24 -6.19 -7.63
C ASN A 25 5.00 -4.73 -8.07
N LYS A 26 4.31 -3.96 -7.26
CA LYS A 26 4.04 -2.53 -7.59
C LYS A 26 4.46 -1.64 -6.40
N LEU A 27 4.56 -0.37 -6.70
CA LEU A 27 4.97 0.66 -5.68
C LEU A 27 3.79 1.59 -5.32
N VAL A 28 2.68 0.94 -5.21
CA VAL A 28 1.35 1.56 -4.86
C VAL A 28 0.53 0.47 -4.21
N LEU A 29 -0.52 0.89 -3.57
CA LEU A 29 -1.42 -0.07 -2.88
C LEU A 29 -1.95 -1.15 -3.84
N CYS A 30 -2.03 -0.76 -5.08
CA CYS A 30 -2.51 -1.66 -6.19
C CYS A 30 -2.45 -0.82 -7.48
N ASP A 31 -2.46 -1.50 -8.60
CA ASP A 31 -2.41 -0.79 -9.92
C ASP A 31 -3.62 -1.06 -10.82
N LYS A 32 -4.30 -2.15 -10.56
CA LYS A 32 -5.50 -2.51 -11.38
C LYS A 32 -6.74 -1.67 -11.00
N LYS A 33 -6.51 -0.61 -10.28
CA LYS A 33 -7.60 0.31 -9.84
C LYS A 33 -7.02 1.60 -9.26
N CYS A 34 -7.80 2.64 -9.37
CA CYS A 34 -7.38 3.99 -8.86
C CYS A 34 -8.40 4.65 -7.92
N ASN A 35 -8.31 4.20 -6.71
CA ASN A 35 -9.17 4.68 -5.60
C ASN A 35 -8.41 5.85 -4.94
N GLN A 36 -9.11 6.93 -4.70
CA GLN A 36 -8.49 8.13 -4.07
C GLN A 36 -8.64 7.98 -2.56
N ARG A 37 -7.82 7.09 -2.08
CA ARG A 37 -7.73 6.73 -0.64
C ARG A 37 -6.25 6.72 -0.29
N CYS A 38 -5.88 5.93 0.68
CA CYS A 38 -4.43 5.87 1.06
C CYS A 38 -3.76 4.64 0.41
N GLY A 39 -2.48 4.52 0.63
CA GLY A 39 -1.70 3.37 0.06
C GLY A 39 -0.24 3.47 0.52
N CYS A 40 0.39 2.33 0.69
CA CYS A 40 1.82 2.29 1.12
C CYS A 40 2.75 3.24 0.38
N ILE A 41 3.86 3.49 1.03
CA ILE A 41 4.89 4.42 0.47
C ILE A 41 5.36 3.79 -0.86
N SER A 42 5.90 4.62 -1.71
CA SER A 42 6.41 4.13 -3.02
C SER A 42 7.75 3.43 -2.76
N GLY A 43 7.63 2.15 -2.51
CA GLY A 43 8.81 1.29 -2.22
C GLY A 43 8.52 0.35 -1.05
N THR A 44 7.36 0.54 -0.42
CA THR A 44 6.96 -0.31 0.73
C THR A 44 5.68 -1.07 0.42
N VAL A 45 5.46 -2.06 1.24
CA VAL A 45 4.26 -2.95 1.12
C VAL A 45 3.63 -3.23 2.48
N LEU A 46 2.33 -3.08 2.51
CA LEU A 46 1.52 -3.31 3.74
C LEU A 46 1.85 -4.72 4.24
N LYS A 47 2.72 -4.76 5.22
CA LYS A 47 3.22 -6.02 5.88
C LYS A 47 2.50 -7.33 5.49
N SER A 48 1.20 -7.35 5.69
CA SER A 48 0.39 -8.57 5.34
C SER A 48 -0.86 -8.19 4.57
N LYS A 49 -1.58 -9.21 4.18
CA LYS A 49 -2.86 -9.12 3.39
C LYS A 49 -3.70 -7.89 3.74
N ASP A 50 -3.58 -7.50 4.98
CA ASP A 50 -4.33 -6.32 5.47
C ASP A 50 -3.78 -5.87 6.83
N SER A 51 -2.52 -5.52 6.84
CA SER A 51 -1.86 -5.05 8.10
C SER A 51 -2.22 -3.56 8.26
N SER A 52 -1.36 -2.81 8.91
CA SER A 52 -1.59 -1.34 9.12
C SER A 52 -0.35 -0.53 8.72
N GLU A 53 0.80 -1.14 8.88
CA GLU A 53 2.10 -0.48 8.53
C GLU A 53 2.71 -1.20 7.32
N CYS A 54 3.44 -0.43 6.56
CA CYS A 54 4.11 -0.95 5.33
C CYS A 54 5.63 -1.04 5.57
N VAL A 55 6.19 -2.04 4.99
CA VAL A 55 7.66 -2.34 5.08
C VAL A 55 8.18 -2.67 3.69
N HIS A 56 9.39 -2.28 3.40
CA HIS A 56 9.98 -2.57 2.05
C HIS A 56 10.01 -4.09 1.78
N PRO A 57 10.05 -4.47 0.53
CA PRO A 57 10.23 -5.88 0.15
C PRO A 57 11.53 -6.48 0.74
N SER A 58 12.49 -5.61 0.91
CA SER A 58 13.82 -5.99 1.48
C SER A 58 13.76 -6.19 3.00
N LYS A 59 12.73 -5.67 3.61
CA LYS A 59 12.54 -5.79 5.09
C LYS A 59 11.62 -6.94 5.41
N CYS A 60 10.64 -7.10 4.55
CA CYS A 60 9.65 -8.20 4.73
C CYS A 60 10.33 -9.56 5.02
N ASN A 1 -13.08 10.67 4.68
CA ASN A 1 -11.77 10.52 5.38
C ASN A 1 -10.72 10.06 4.36
N PHE A 2 -9.55 10.66 4.43
CA PHE A 2 -8.43 10.31 3.49
C PHE A 2 -7.13 10.20 4.28
N VAL A 3 -7.32 9.92 5.54
CA VAL A 3 -6.21 9.77 6.51
C VAL A 3 -5.75 8.31 6.53
N CYS A 4 -4.47 8.18 6.65
CA CYS A 4 -3.80 6.84 6.69
C CYS A 4 -3.47 6.37 8.12
N PRO A 5 -2.98 5.16 8.20
CA PRO A 5 -2.08 4.71 9.27
C PRO A 5 -0.60 5.04 8.95
N PRO A 6 0.28 4.83 9.90
CA PRO A 6 1.71 5.18 9.84
C PRO A 6 2.44 4.92 8.49
N GLY A 7 2.73 3.66 8.24
CA GLY A 7 3.44 3.24 6.99
C GLY A 7 2.77 3.54 5.65
N GLN A 8 1.62 4.16 5.64
CA GLN A 8 0.92 4.47 4.35
C GLN A 8 0.78 5.98 4.13
N THR A 9 0.34 6.29 2.94
CA THR A 9 0.13 7.70 2.48
C THR A 9 -1.03 7.77 1.48
N PHE A 10 -1.49 8.97 1.28
CA PHE A 10 -2.62 9.21 0.33
C PHE A 10 -2.17 9.02 -1.12
N GLN A 11 -3.08 8.59 -1.94
CA GLN A 11 -2.79 8.34 -3.39
C GLN A 11 -4.08 8.41 -4.17
N THR A 12 -3.90 8.72 -5.41
CA THR A 12 -5.03 8.83 -6.36
C THR A 12 -5.36 7.38 -6.75
N CYS A 13 -4.30 6.65 -7.02
CA CYS A 13 -4.43 5.22 -7.41
C CYS A 13 -3.97 4.24 -6.33
N ALA A 14 -4.97 3.85 -5.59
CA ALA A 14 -4.83 2.89 -4.45
C ALA A 14 -6.24 2.36 -4.23
N SER A 15 -6.39 1.12 -3.87
CA SER A 15 -7.77 0.57 -3.65
C SER A 15 -7.82 -0.64 -2.73
N SER A 16 -9.00 -1.22 -2.66
CA SER A 16 -9.28 -2.42 -1.83
C SER A 16 -8.36 -3.63 -2.21
N CYS A 17 -7.52 -3.40 -3.19
CA CYS A 17 -6.54 -4.41 -3.73
C CYS A 17 -5.09 -4.12 -3.26
N PRO A 18 -4.78 -4.35 -2.00
CA PRO A 18 -3.51 -3.90 -1.41
C PRO A 18 -2.26 -4.64 -1.94
N LYS A 19 -1.17 -3.92 -1.91
CA LYS A 19 0.14 -4.44 -2.37
C LYS A 19 0.80 -4.80 -1.02
N THR A 20 0.98 -6.08 -0.81
CA THR A 20 1.60 -6.55 0.47
C THR A 20 2.92 -7.28 0.21
N CYS A 21 3.50 -7.79 1.26
CA CYS A 21 4.80 -8.52 1.11
C CYS A 21 4.59 -9.69 0.14
N GLU A 22 3.34 -10.09 0.01
CA GLU A 22 2.99 -11.21 -0.91
C GLU A 22 3.27 -10.73 -2.36
N THR A 23 2.83 -9.52 -2.66
CA THR A 23 3.04 -8.95 -4.02
C THR A 23 4.44 -8.36 -4.22
N ARG A 24 4.69 -7.17 -3.71
CA ARG A 24 6.03 -6.47 -3.85
C ARG A 24 6.38 -6.08 -5.30
N ASN A 25 5.64 -6.66 -6.19
CA ASN A 25 5.79 -6.44 -7.65
C ASN A 25 5.64 -4.97 -8.09
N LYS A 26 4.66 -4.30 -7.53
CA LYS A 26 4.39 -2.87 -7.85
C LYS A 26 5.01 -1.94 -6.80
N LEU A 27 4.72 -0.69 -6.98
CA LEU A 27 5.21 0.40 -6.07
C LEU A 27 4.04 1.32 -5.70
N VAL A 28 2.91 0.67 -5.62
CA VAL A 28 1.59 1.30 -5.28
C VAL A 28 0.66 0.25 -4.70
N LEU A 29 -0.26 0.72 -3.90
CA LEU A 29 -1.25 -0.17 -3.24
C LEU A 29 -1.94 -1.10 -4.26
N CYS A 30 -2.34 -0.50 -5.34
CA CYS A 30 -3.02 -1.21 -6.46
C CYS A 30 -2.48 -0.69 -7.80
N ASP A 31 -2.55 -1.53 -8.79
CA ASP A 31 -2.07 -1.18 -10.16
C ASP A 31 -3.07 -1.61 -11.20
N LYS A 32 -4.27 -1.45 -10.74
CA LYS A 32 -5.47 -1.80 -11.56
C LYS A 32 -6.60 -0.81 -11.23
N LYS A 33 -6.85 -0.63 -9.95
CA LYS A 33 -7.94 0.30 -9.50
C LYS A 33 -7.32 1.57 -8.92
N CYS A 34 -8.11 2.62 -8.95
CA CYS A 34 -7.63 3.92 -8.43
C CYS A 34 -8.62 4.70 -7.54
N ASN A 35 -8.70 4.21 -6.33
CA ASN A 35 -9.62 4.86 -5.32
C ASN A 35 -8.75 5.99 -4.75
N GLN A 36 -9.27 7.20 -4.67
CA GLN A 36 -8.47 8.34 -4.11
C GLN A 36 -8.66 8.26 -2.60
N ARG A 37 -7.90 7.33 -2.09
CA ARG A 37 -7.87 7.01 -0.63
C ARG A 37 -6.39 6.82 -0.25
N CYS A 38 -6.14 6.06 0.78
CA CYS A 38 -4.73 5.82 1.22
C CYS A 38 -4.15 4.56 0.57
N GLY A 39 -2.87 4.36 0.75
CA GLY A 39 -2.14 3.19 0.18
C GLY A 39 -0.65 3.25 0.54
N CYS A 40 0.00 2.10 0.59
CA CYS A 40 1.45 2.06 0.93
C CYS A 40 2.28 3.03 0.12
N ILE A 41 3.34 3.45 0.75
CA ILE A 41 4.28 4.42 0.11
C ILE A 41 4.95 3.71 -1.08
N SER A 42 5.54 4.52 -1.91
CA SER A 42 6.23 3.99 -3.12
C SER A 42 7.55 3.33 -2.70
N GLY A 43 7.48 2.03 -2.63
CA GLY A 43 8.64 1.20 -2.22
C GLY A 43 8.23 0.27 -1.07
N THR A 44 7.15 0.61 -0.42
CA THR A 44 6.66 -0.22 0.72
C THR A 44 5.42 -1.01 0.33
N VAL A 45 5.30 -2.11 1.04
CA VAL A 45 4.18 -3.07 0.89
C VAL A 45 3.54 -3.28 2.26
N LEU A 46 2.24 -3.25 2.27
CA LEU A 46 1.47 -3.45 3.53
C LEU A 46 1.91 -4.80 4.08
N LYS A 47 2.65 -4.74 5.16
CA LYS A 47 3.21 -5.93 5.89
C LYS A 47 2.55 -7.30 5.56
N SER A 48 1.25 -7.33 5.58
CA SER A 48 0.51 -8.60 5.28
C SER A 48 -0.72 -8.30 4.44
N LYS A 49 -1.41 -9.37 4.13
CA LYS A 49 -2.66 -9.34 3.32
C LYS A 49 -3.56 -8.15 3.66
N ASP A 50 -3.46 -7.71 4.89
CA ASP A 50 -4.28 -6.55 5.36
C ASP A 50 -3.76 -6.02 6.71
N SER A 51 -2.51 -5.62 6.72
CA SER A 51 -1.89 -5.07 7.97
C SER A 51 -2.33 -3.59 8.12
N SER A 52 -1.50 -2.78 8.72
CA SER A 52 -1.81 -1.34 8.94
C SER A 52 -0.50 -0.52 9.03
N GLU A 53 0.53 -1.08 8.45
CA GLU A 53 1.88 -0.43 8.45
C GLU A 53 2.60 -1.13 7.28
N CYS A 54 3.11 -0.35 6.36
CA CYS A 54 3.83 -0.92 5.18
C CYS A 54 5.36 -0.90 5.38
N VAL A 55 5.95 -1.98 4.97
CA VAL A 55 7.43 -2.20 5.04
C VAL A 55 7.97 -2.52 3.64
N HIS A 56 9.18 -2.10 3.36
CA HIS A 56 9.75 -2.40 2.01
C HIS A 56 9.94 -3.93 1.89
N PRO A 57 10.05 -4.43 0.68
CA PRO A 57 10.34 -5.86 0.45
C PRO A 57 11.61 -6.31 1.19
N SER A 58 12.51 -5.37 1.40
CA SER A 58 13.79 -5.65 2.10
C SER A 58 13.62 -5.96 3.61
N LYS A 59 12.51 -5.56 4.16
CA LYS A 59 12.25 -5.82 5.63
C LYS A 59 11.33 -7.03 5.74
N CYS A 60 10.44 -7.15 4.79
CA CYS A 60 9.48 -8.30 4.78
C CYS A 60 10.22 -9.65 4.94
N ASN A 1 -13.10 10.20 8.34
CA ASN A 1 -11.83 9.68 8.92
C ASN A 1 -11.04 8.97 7.81
N PHE A 2 -10.52 9.78 6.93
CA PHE A 2 -9.72 9.26 5.77
C PHE A 2 -8.22 9.24 6.13
N VAL A 3 -7.97 9.14 7.40
CA VAL A 3 -6.57 9.11 7.95
C VAL A 3 -6.10 7.66 8.10
N CYS A 4 -4.84 7.46 7.83
CA CYS A 4 -4.20 6.11 7.93
C CYS A 4 -2.84 6.09 8.64
N PRO A 5 -2.43 4.89 9.02
CA PRO A 5 -1.27 4.73 9.92
C PRO A 5 0.05 5.17 9.26
N PRO A 6 1.14 5.18 9.99
CA PRO A 6 2.47 5.60 9.48
C PRO A 6 2.83 5.01 8.11
N GLY A 7 2.79 3.71 8.05
CA GLY A 7 3.11 2.98 6.79
C GLY A 7 2.21 3.31 5.59
N GLN A 8 1.09 3.94 5.84
CA GLN A 8 0.17 4.30 4.71
C GLN A 8 -0.14 5.80 4.68
N THR A 9 -0.37 6.25 3.49
CA THR A 9 -0.68 7.69 3.23
C THR A 9 -1.64 7.74 2.04
N PHE A 10 -1.92 8.95 1.62
CA PHE A 10 -2.84 9.14 0.46
C PHE A 10 -2.21 8.39 -0.73
N GLN A 11 -3.04 7.86 -1.58
CA GLN A 11 -2.53 7.11 -2.75
C GLN A 11 -3.54 7.52 -3.84
N THR A 12 -3.07 8.13 -4.90
CA THR A 12 -4.02 8.55 -5.99
C THR A 12 -4.41 7.38 -6.90
N CYS A 13 -3.45 6.65 -7.42
CA CYS A 13 -3.78 5.50 -8.30
C CYS A 13 -3.54 4.10 -7.74
N ALA A 14 -4.56 3.67 -7.05
CA ALA A 14 -4.57 2.34 -6.41
C ALA A 14 -6.01 1.97 -6.12
N SER A 15 -6.41 0.80 -6.55
CA SER A 15 -7.81 0.34 -6.32
C SER A 15 -7.97 -0.03 -4.83
N SER A 16 -8.59 -1.16 -4.60
CA SER A 16 -8.82 -1.63 -3.21
C SER A 16 -8.06 -2.97 -3.07
N CYS A 17 -7.02 -3.13 -3.87
CA CYS A 17 -6.22 -4.41 -3.80
C CYS A 17 -4.85 -4.15 -3.12
N PRO A 18 -4.82 -4.10 -1.81
CA PRO A 18 -3.60 -3.68 -1.08
C PRO A 18 -2.34 -4.47 -1.44
N LYS A 19 -1.27 -3.73 -1.59
CA LYS A 19 0.05 -4.32 -1.93
C LYS A 19 0.70 -4.56 -0.58
N THR A 20 0.91 -5.82 -0.29
CA THR A 20 1.54 -6.20 1.00
C THR A 20 2.80 -7.02 0.77
N CYS A 21 3.35 -7.47 1.87
CA CYS A 21 4.59 -8.30 1.83
C CYS A 21 4.35 -9.57 0.99
N GLU A 22 3.08 -9.86 0.85
CA GLU A 22 2.60 -11.04 0.07
C GLU A 22 2.87 -10.73 -1.42
N THR A 23 2.47 -9.54 -1.84
CA THR A 23 2.67 -9.12 -3.25
C THR A 23 4.06 -8.54 -3.54
N ARG A 24 4.30 -7.29 -3.22
CA ARG A 24 5.62 -6.60 -3.44
C ARG A 24 5.94 -6.38 -4.93
N ASN A 25 5.17 -7.06 -5.73
CA ASN A 25 5.29 -7.03 -7.20
C ASN A 25 5.18 -5.61 -7.78
N LYS A 26 4.20 -4.87 -7.32
CA LYS A 26 3.97 -3.48 -7.80
C LYS A 26 4.72 -2.51 -6.87
N LEU A 27 4.49 -1.24 -7.12
CA LEU A 27 5.14 -0.16 -6.32
C LEU A 27 4.12 0.88 -5.87
N VAL A 28 2.96 0.35 -5.60
CA VAL A 28 1.80 1.19 -5.14
C VAL A 28 0.83 0.24 -4.44
N LEU A 29 -0.02 0.80 -3.62
CA LEU A 29 -1.02 0.00 -2.87
C LEU A 29 -1.75 -0.98 -3.79
N CYS A 30 -2.07 -0.48 -4.94
CA CYS A 30 -2.78 -1.30 -5.98
C CYS A 30 -2.51 -0.66 -7.34
N ASP A 31 -2.99 -1.27 -8.39
CA ASP A 31 -2.74 -0.71 -9.77
C ASP A 31 -3.90 -0.86 -10.76
N LYS A 32 -4.65 -1.91 -10.62
CA LYS A 32 -5.82 -2.17 -11.53
C LYS A 32 -6.77 -0.97 -11.70
N LYS A 33 -6.79 -0.10 -10.73
CA LYS A 33 -7.66 1.12 -10.78
C LYS A 33 -7.08 2.23 -9.90
N CYS A 34 -7.47 3.44 -10.23
CA CYS A 34 -7.00 4.63 -9.47
C CYS A 34 -7.99 5.22 -8.45
N ASN A 35 -8.05 4.57 -7.33
CA ASN A 35 -8.97 5.05 -6.24
C ASN A 35 -8.10 6.01 -5.42
N GLN A 36 -8.54 7.24 -5.32
CA GLN A 36 -7.77 8.25 -4.54
C GLN A 36 -8.09 8.04 -3.05
N ARG A 37 -7.31 7.17 -2.45
CA ARG A 37 -7.50 6.84 -1.00
C ARG A 37 -6.21 6.30 -0.35
N CYS A 38 -6.39 5.87 0.88
CA CYS A 38 -5.31 5.30 1.75
C CYS A 38 -4.51 4.21 1.02
N GLY A 39 -3.25 4.06 1.39
CA GLY A 39 -2.41 3.03 0.72
C GLY A 39 -0.92 3.17 1.07
N CYS A 40 -0.23 2.04 1.03
CA CYS A 40 1.22 2.04 1.35
C CYS A 40 1.94 3.06 0.47
N ILE A 41 2.98 3.59 1.03
CA ILE A 41 3.77 4.61 0.30
C ILE A 41 4.49 3.92 -0.86
N SER A 42 4.90 4.72 -1.80
CA SER A 42 5.61 4.19 -3.00
C SER A 42 6.99 3.73 -2.55
N GLY A 43 7.07 2.45 -2.31
CA GLY A 43 8.33 1.81 -1.86
C GLY A 43 8.10 1.01 -0.56
N THR A 44 6.85 0.79 -0.21
CA THR A 44 6.51 0.02 1.03
C THR A 44 5.33 -0.91 0.76
N VAL A 45 5.27 -1.92 1.59
CA VAL A 45 4.20 -2.96 1.51
C VAL A 45 3.67 -3.32 2.89
N LEU A 46 2.36 -3.32 2.98
CA LEU A 46 1.63 -3.64 4.25
C LEU A 46 2.31 -4.87 4.89
N LYS A 47 2.61 -4.77 6.16
CA LYS A 47 3.28 -5.88 6.90
C LYS A 47 2.75 -7.27 6.56
N SER A 48 1.45 -7.34 6.38
CA SER A 48 0.79 -8.64 6.03
C SER A 48 -0.33 -8.37 5.03
N LYS A 49 -0.91 -9.44 4.56
CA LYS A 49 -2.02 -9.39 3.57
C LYS A 49 -3.10 -8.38 4.01
N ASP A 50 -3.16 -8.13 5.29
CA ASP A 50 -4.16 -7.16 5.84
C ASP A 50 -3.70 -6.59 7.21
N SER A 51 -2.52 -6.03 7.24
CA SER A 51 -1.98 -5.45 8.51
C SER A 51 -2.35 -3.95 8.52
N SER A 52 -1.49 -3.13 9.07
CA SER A 52 -1.74 -1.66 9.14
C SER A 52 -0.47 -0.83 8.86
N GLU A 53 0.68 -1.39 9.17
CA GLU A 53 1.96 -0.65 8.94
C GLU A 53 2.78 -1.29 7.81
N CYS A 54 2.92 -0.54 6.75
CA CYS A 54 3.69 -0.99 5.56
C CYS A 54 5.18 -0.79 5.81
N VAL A 55 5.94 -1.71 5.28
CA VAL A 55 7.44 -1.71 5.40
C VAL A 55 8.00 -2.05 4.03
N HIS A 56 9.16 -1.52 3.71
CA HIS A 56 9.81 -1.78 2.38
C HIS A 56 9.77 -3.25 1.91
N PRO A 57 9.57 -3.46 0.62
CA PRO A 57 9.62 -4.80 0.02
C PRO A 57 11.05 -5.36 0.00
N SER A 58 11.96 -4.58 0.52
CA SER A 58 13.40 -4.99 0.59
C SER A 58 13.57 -5.85 1.85
N LYS A 59 12.69 -5.57 2.80
CA LYS A 59 12.68 -6.30 4.10
C LYS A 59 11.81 -7.52 3.82
N CYS A 60 10.60 -7.22 3.46
CA CYS A 60 9.61 -8.28 3.14
C CYS A 60 9.88 -9.02 1.82
N ASN A 1 -11.60 13.52 5.16
CA ASN A 1 -10.12 13.44 5.03
C ASN A 1 -9.69 11.96 4.87
N PHE A 2 -8.97 11.71 3.81
CA PHE A 2 -8.48 10.33 3.50
C PHE A 2 -7.11 10.09 4.18
N VAL A 3 -7.16 10.03 5.48
CA VAL A 3 -5.92 9.80 6.28
C VAL A 3 -5.64 8.32 6.51
N CYS A 4 -4.37 8.04 6.65
CA CYS A 4 -3.88 6.65 6.88
C CYS A 4 -3.56 6.40 8.38
N PRO A 5 -3.12 5.19 8.67
CA PRO A 5 -2.28 4.90 9.83
C PRO A 5 -0.78 4.98 9.49
N PRO A 6 0.05 4.75 10.47
CA PRO A 6 1.51 4.64 10.27
C PRO A 6 1.86 3.67 9.14
N GLY A 7 2.92 3.99 8.44
CA GLY A 7 3.38 3.13 7.30
C GLY A 7 2.50 3.23 6.05
N GLN A 8 1.49 4.08 6.05
CA GLN A 8 0.61 4.20 4.85
C GLN A 8 0.40 5.69 4.66
N THR A 9 0.23 6.09 3.42
CA THR A 9 0.02 7.53 3.12
C THR A 9 -1.03 7.73 2.01
N PHE A 10 -1.40 8.95 1.77
CA PHE A 10 -2.41 9.28 0.71
C PHE A 10 -1.75 9.31 -0.67
N GLN A 11 -2.31 8.56 -1.59
CA GLN A 11 -1.80 8.47 -2.98
C GLN A 11 -2.99 8.62 -3.90
N THR A 12 -2.68 9.03 -5.09
CA THR A 12 -3.73 9.25 -6.13
C THR A 12 -4.16 7.92 -6.75
N CYS A 13 -3.28 6.95 -6.73
CA CYS A 13 -3.64 5.63 -7.32
C CYS A 13 -3.51 4.55 -6.26
N ALA A 14 -4.67 4.02 -5.96
CA ALA A 14 -4.81 2.95 -4.96
C ALA A 14 -5.94 1.98 -5.38
N SER A 15 -6.38 1.14 -4.48
CA SER A 15 -7.47 0.16 -4.82
C SER A 15 -7.89 -0.60 -3.55
N SER A 16 -8.81 -1.51 -3.72
CA SER A 16 -9.29 -2.33 -2.57
C SER A 16 -8.52 -3.67 -2.55
N CYS A 17 -7.52 -3.76 -3.39
CA CYS A 17 -6.65 -4.97 -3.53
C CYS A 17 -5.17 -4.70 -3.15
N PRO A 18 -4.92 -4.62 -1.85
CA PRO A 18 -3.64 -4.10 -1.31
C PRO A 18 -2.37 -4.86 -1.74
N LYS A 19 -1.34 -4.08 -1.94
CA LYS A 19 -0.01 -4.61 -2.37
C LYS A 19 0.75 -4.81 -1.06
N THR A 20 0.72 -6.04 -0.62
CA THR A 20 1.42 -6.39 0.65
C THR A 20 2.73 -7.13 0.33
N CYS A 21 3.40 -7.53 1.38
CA CYS A 21 4.69 -8.27 1.22
C CYS A 21 4.48 -9.53 0.39
N GLU A 22 3.26 -10.01 0.41
CA GLU A 22 2.87 -11.23 -0.36
C GLU A 22 3.14 -11.00 -1.86
N THR A 23 2.68 -9.87 -2.36
CA THR A 23 2.88 -9.53 -3.81
C THR A 23 4.11 -8.65 -4.06
N ARG A 24 4.11 -7.39 -3.66
CA ARG A 24 5.28 -6.47 -3.89
C ARG A 24 5.55 -6.12 -5.37
N ASN A 25 4.93 -6.91 -6.20
CA ASN A 25 5.02 -6.81 -7.67
C ASN A 25 4.72 -5.47 -8.35
N LYS A 26 4.02 -4.55 -7.73
CA LYS A 26 3.73 -3.24 -8.40
C LYS A 26 4.38 -2.10 -7.61
N LEU A 27 3.98 -0.90 -7.94
CA LEU A 27 4.50 0.36 -7.27
C LEU A 27 3.37 1.24 -6.73
N VAL A 28 2.34 0.53 -6.40
CA VAL A 28 1.07 1.11 -5.83
C VAL A 28 0.32 -0.02 -5.13
N LEU A 29 -0.67 0.36 -4.39
CA LEU A 29 -1.51 -0.61 -3.63
C LEU A 29 -1.99 -1.78 -4.48
N CYS A 30 -2.20 -1.54 -5.75
CA CYS A 30 -2.67 -2.64 -6.64
C CYS A 30 -2.25 -2.36 -8.09
N ASP A 31 -3.18 -2.20 -9.00
CA ASP A 31 -2.85 -1.91 -10.44
C ASP A 31 -4.10 -1.66 -11.27
N LYS A 32 -5.04 -2.54 -11.10
CA LYS A 32 -6.34 -2.48 -11.84
C LYS A 32 -7.25 -1.31 -11.41
N LYS A 33 -6.76 -0.46 -10.55
CA LYS A 33 -7.57 0.71 -10.08
C LYS A 33 -6.67 1.77 -9.45
N CYS A 34 -7.20 2.98 -9.42
CA CYS A 34 -6.48 4.14 -8.84
C CYS A 34 -7.34 5.09 -8.00
N ASN A 35 -7.58 4.61 -6.81
CA ASN A 35 -8.39 5.35 -5.79
C ASN A 35 -7.50 6.46 -5.20
N GLN A 36 -8.11 7.57 -4.89
CA GLN A 36 -7.38 8.74 -4.29
C GLN A 36 -7.75 8.73 -2.81
N ARG A 37 -7.05 7.87 -2.13
CA ARG A 37 -7.23 7.69 -0.66
C ARG A 37 -5.94 7.10 -0.10
N CYS A 38 -6.06 6.38 0.99
CA CYS A 38 -4.84 5.77 1.59
C CYS A 38 -4.35 4.52 0.84
N GLY A 39 -3.07 4.29 0.99
CA GLY A 39 -2.37 3.13 0.36
C GLY A 39 -0.91 3.15 0.85
N CYS A 40 -0.17 2.09 0.64
CA CYS A 40 1.25 2.10 1.11
C CYS A 40 2.04 3.21 0.43
N ILE A 41 3.11 3.56 1.09
CA ILE A 41 4.01 4.63 0.58
C ILE A 41 4.68 4.12 -0.70
N SER A 42 5.23 5.05 -1.43
CA SER A 42 5.92 4.72 -2.71
C SER A 42 7.26 4.01 -2.41
N GLY A 43 7.19 2.72 -2.44
CA GLY A 43 8.37 1.85 -2.16
C GLY A 43 8.09 0.90 -1.00
N THR A 44 6.86 0.87 -0.55
CA THR A 44 6.49 -0.03 0.59
C THR A 44 5.24 -0.85 0.28
N VAL A 45 5.12 -1.89 1.06
CA VAL A 45 3.98 -2.86 0.98
C VAL A 45 3.47 -3.17 2.37
N LEU A 46 2.18 -3.33 2.48
CA LEU A 46 1.57 -3.65 3.81
C LEU A 46 2.30 -4.89 4.34
N LYS A 47 2.75 -4.79 5.57
CA LYS A 47 3.49 -5.90 6.24
C LYS A 47 2.90 -7.30 6.00
N SER A 48 1.61 -7.38 5.95
CA SER A 48 0.94 -8.70 5.71
C SER A 48 -0.27 -8.49 4.79
N LYS A 49 -0.91 -9.58 4.48
CA LYS A 49 -2.12 -9.55 3.59
C LYS A 49 -3.15 -8.52 4.07
N ASP A 50 -3.05 -8.15 5.33
CA ASP A 50 -4.00 -7.16 5.91
C ASP A 50 -3.45 -6.55 7.22
N SER A 51 -2.21 -6.11 7.20
CA SER A 51 -1.60 -5.50 8.43
C SER A 51 -2.10 -4.04 8.54
N SER A 52 -1.33 -3.18 9.17
CA SER A 52 -1.71 -1.74 9.34
C SER A 52 -0.53 -0.78 9.04
N GLU A 53 0.63 -1.36 8.86
CA GLU A 53 1.87 -0.57 8.55
C GLU A 53 2.61 -1.23 7.40
N CYS A 54 3.05 -0.42 6.46
CA CYS A 54 3.80 -0.97 5.28
C CYS A 54 5.31 -0.85 5.49
N VAL A 55 5.98 -1.85 4.97
CA VAL A 55 7.46 -2.00 5.02
C VAL A 55 7.96 -2.26 3.58
N HIS A 56 9.15 -1.84 3.28
CA HIS A 56 9.69 -2.06 1.89
C HIS A 56 9.72 -3.55 1.52
N PRO A 57 9.75 -3.84 0.24
CA PRO A 57 9.97 -5.22 -0.23
C PRO A 57 11.30 -5.76 0.32
N SER A 58 12.21 -4.84 0.51
CA SER A 58 13.57 -5.15 1.03
C SER A 58 13.62 -4.78 2.51
N LYS A 59 12.56 -5.19 3.16
CA LYS A 59 12.40 -4.92 4.61
C LYS A 59 11.46 -5.98 5.23
N CYS A 60 10.44 -6.35 4.49
CA CYS A 60 9.45 -7.38 4.98
C CYS A 60 10.15 -8.60 5.63
N ASN A 1 -10.80 14.17 8.89
CA ASN A 1 -9.66 14.15 7.95
C ASN A 1 -9.40 12.71 7.50
N PHE A 2 -9.09 12.56 6.23
CA PHE A 2 -8.81 11.21 5.66
C PHE A 2 -7.33 10.89 5.91
N VAL A 3 -7.10 10.32 7.06
CA VAL A 3 -5.73 9.94 7.49
C VAL A 3 -5.62 8.42 7.65
N CYS A 4 -4.46 7.94 7.25
CA CYS A 4 -4.11 6.49 7.30
C CYS A 4 -3.71 6.11 8.75
N PRO A 5 -3.33 4.86 8.96
CA PRO A 5 -2.48 4.48 10.09
C PRO A 5 -0.97 4.63 9.77
N PRO A 6 -0.13 4.41 10.76
CA PRO A 6 1.33 4.40 10.61
C PRO A 6 1.83 3.51 9.47
N GLY A 7 2.80 4.02 8.75
CA GLY A 7 3.38 3.25 7.60
C GLY A 7 2.61 3.47 6.29
N GLN A 8 1.36 3.80 6.39
CA GLN A 8 0.51 4.03 5.19
C GLN A 8 0.28 5.53 5.08
N THR A 9 0.09 5.96 3.87
CA THR A 9 -0.16 7.40 3.54
C THR A 9 -1.22 7.45 2.44
N PHE A 10 -1.45 8.63 1.90
CA PHE A 10 -2.47 8.75 0.82
C PHE A 10 -1.97 7.93 -0.38
N GLN A 11 -2.79 7.78 -1.39
CA GLN A 11 -2.37 6.99 -2.57
C GLN A 11 -3.37 7.37 -3.68
N THR A 12 -2.89 7.94 -4.76
CA THR A 12 -3.83 8.32 -5.86
C THR A 12 -4.20 7.09 -6.70
N CYS A 13 -3.20 6.37 -7.19
CA CYS A 13 -3.50 5.16 -8.01
C CYS A 13 -3.19 3.83 -7.33
N ALA A 14 -4.27 3.34 -6.78
CA ALA A 14 -4.31 2.05 -6.05
C ALA A 14 -5.81 1.70 -6.06
N SER A 15 -6.30 1.13 -4.99
CA SER A 15 -7.74 0.78 -4.93
C SER A 15 -8.00 0.28 -3.50
N SER A 16 -9.07 -0.47 -3.30
CA SER A 16 -9.37 -0.99 -1.94
C SER A 16 -8.19 -1.91 -1.52
N CYS A 17 -7.37 -2.19 -2.50
CA CYS A 17 -6.14 -3.02 -2.44
C CYS A 17 -4.83 -2.18 -2.62
N PRO A 18 -4.37 -1.59 -1.53
CA PRO A 18 -2.95 -1.18 -1.30
C PRO A 18 -1.91 -2.32 -1.30
N LYS A 19 -0.83 -2.16 -2.02
CA LYS A 19 0.24 -3.20 -2.08
C LYS A 19 0.72 -3.58 -0.69
N THR A 20 1.18 -4.80 -0.69
CA THR A 20 1.71 -5.41 0.56
C THR A 20 2.86 -6.34 0.19
N CYS A 21 3.45 -6.91 1.20
CA CYS A 21 4.59 -7.85 1.01
C CYS A 21 4.17 -9.00 0.08
N GLU A 22 2.87 -9.15 -0.01
CA GLU A 22 2.26 -10.20 -0.88
C GLU A 22 2.68 -9.95 -2.35
N THR A 23 2.44 -8.74 -2.84
CA THR A 23 2.81 -8.44 -4.27
C THR A 23 4.29 -8.05 -4.42
N ARG A 24 4.69 -6.88 -3.96
CA ARG A 24 6.11 -6.37 -4.07
C ARG A 24 6.51 -6.05 -5.53
N ASN A 25 5.80 -6.67 -6.42
CA ASN A 25 5.97 -6.55 -7.90
C ASN A 25 5.56 -5.20 -8.45
N LYS A 26 4.85 -4.48 -7.62
CA LYS A 26 4.34 -3.13 -7.96
C LYS A 26 3.91 -2.39 -6.70
N LEU A 27 3.91 -1.09 -6.79
CA LEU A 27 3.52 -0.21 -5.64
C LEU A 27 2.01 -0.05 -5.48
N VAL A 28 1.36 -1.15 -5.75
CA VAL A 28 -0.12 -1.32 -5.68
C VAL A 28 -0.44 -2.81 -5.59
N LEU A 29 -1.48 -3.14 -4.87
CA LEU A 29 -1.86 -4.58 -4.73
C LEU A 29 -2.71 -4.94 -5.97
N CYS A 30 -3.06 -3.89 -6.67
CA CYS A 30 -3.87 -3.93 -7.92
C CYS A 30 -3.55 -2.66 -8.71
N ASP A 31 -3.11 -2.92 -9.90
CA ASP A 31 -2.71 -1.83 -10.85
C ASP A 31 -3.82 -1.32 -11.77
N LYS A 32 -4.76 -2.17 -12.04
CA LYS A 32 -5.92 -1.80 -12.94
C LYS A 32 -6.98 -0.90 -12.28
N LYS A 33 -6.55 0.00 -11.42
CA LYS A 33 -7.50 0.93 -10.72
C LYS A 33 -6.73 2.05 -10.03
N CYS A 34 -7.42 3.16 -9.91
CA CYS A 34 -6.84 4.37 -9.25
C CYS A 34 -7.83 5.08 -8.33
N ASN A 35 -7.90 4.56 -7.15
CA ASN A 35 -8.80 5.13 -6.10
C ASN A 35 -7.92 6.11 -5.29
N GLN A 36 -8.36 7.34 -5.23
CA GLN A 36 -7.59 8.38 -4.47
C GLN A 36 -7.98 8.26 -3.00
N ARG A 37 -7.36 7.29 -2.38
CA ARG A 37 -7.57 6.96 -0.93
C ARG A 37 -6.21 6.60 -0.31
N CYS A 38 -6.22 5.78 0.71
CA CYS A 38 -4.93 5.40 1.35
C CYS A 38 -4.30 4.15 0.69
N GLY A 39 -3.03 4.02 0.94
CA GLY A 39 -2.18 2.90 0.42
C GLY A 39 -0.78 3.10 1.04
N CYS A 40 0.00 2.05 1.15
CA CYS A 40 1.36 2.20 1.73
C CYS A 40 2.16 3.29 1.04
N ILE A 41 3.29 3.59 1.60
CA ILE A 41 4.11 4.66 0.96
C ILE A 41 4.55 4.10 -0.42
N SER A 42 4.79 5.01 -1.32
CA SER A 42 5.22 4.63 -2.69
C SER A 42 6.70 4.22 -2.64
N GLY A 43 6.85 2.95 -2.41
CA GLY A 43 8.19 2.30 -2.31
C GLY A 43 8.09 1.19 -1.27
N THR A 44 7.15 1.35 -0.37
CA THR A 44 6.93 0.35 0.72
C THR A 44 5.74 -0.53 0.36
N VAL A 45 5.59 -1.53 1.17
CA VAL A 45 4.51 -2.53 1.04
C VAL A 45 4.07 -2.94 2.43
N LEU A 46 2.77 -2.92 2.62
CA LEU A 46 2.15 -3.27 3.93
C LEU A 46 2.75 -4.59 4.44
N LYS A 47 3.05 -4.59 5.71
CA LYS A 47 3.65 -5.79 6.39
C LYS A 47 2.98 -7.10 5.97
N SER A 48 1.69 -7.03 5.78
CA SER A 48 0.90 -8.23 5.36
C SER A 48 -0.21 -7.79 4.43
N LYS A 49 -0.91 -8.77 3.91
CA LYS A 49 -2.04 -8.55 2.97
C LYS A 49 -3.01 -7.48 3.50
N ASP A 50 -3.00 -7.31 4.81
CA ASP A 50 -3.91 -6.31 5.45
C ASP A 50 -3.39 -5.86 6.85
N SER A 51 -2.12 -5.58 6.95
CA SER A 51 -1.54 -5.13 8.26
C SER A 51 -1.88 -3.63 8.44
N SER A 52 -1.07 -2.92 9.20
CA SER A 52 -1.28 -1.46 9.44
C SER A 52 0.09 -0.82 9.72
N GLU A 53 1.09 -1.33 9.03
CA GLU A 53 2.50 -0.86 9.16
C GLU A 53 3.19 -1.33 7.88
N CYS A 54 3.67 -0.40 7.09
CA CYS A 54 4.36 -0.75 5.79
C CYS A 54 5.90 -0.73 5.85
N VAL A 55 6.44 -1.70 5.17
CA VAL A 55 7.92 -1.90 5.06
C VAL A 55 8.28 -2.27 3.62
N HIS A 56 9.43 -1.86 3.17
CA HIS A 56 9.87 -2.18 1.77
C HIS A 56 9.94 -3.72 1.60
N PRO A 57 9.80 -4.19 0.37
CA PRO A 57 9.87 -5.64 0.07
C PRO A 57 11.19 -6.27 0.54
N SER A 58 12.19 -5.44 0.64
CA SER A 58 13.55 -5.88 1.08
C SER A 58 13.70 -5.86 2.61
N LYS A 59 12.58 -5.74 3.29
CA LYS A 59 12.55 -5.70 4.78
C LYS A 59 11.59 -6.76 5.30
N CYS A 60 10.40 -6.69 4.76
CA CYS A 60 9.28 -7.61 5.09
C CYS A 60 9.69 -8.95 5.75
N ASN A 1 -13.15 8.68 6.17
CA ASN A 1 -12.38 7.47 6.60
C ASN A 1 -11.20 7.22 5.64
N PHE A 2 -10.84 8.24 4.91
CA PHE A 2 -9.71 8.15 3.93
C PHE A 2 -8.35 8.38 4.61
N VAL A 3 -8.35 8.17 5.90
CA VAL A 3 -7.14 8.35 6.74
C VAL A 3 -6.57 6.97 7.11
N CYS A 4 -5.27 6.91 7.20
CA CYS A 4 -4.55 5.64 7.55
C CYS A 4 -3.30 5.82 8.41
N PRO A 5 -2.80 4.72 8.94
CA PRO A 5 -1.74 4.77 9.95
C PRO A 5 -0.38 5.21 9.36
N PRO A 6 0.61 5.43 10.19
CA PRO A 6 1.98 5.84 9.79
C PRO A 6 2.52 5.15 8.52
N GLY A 7 2.57 3.83 8.58
CA GLY A 7 3.08 3.01 7.43
C GLY A 7 2.37 3.25 6.09
N GLN A 8 1.21 3.88 6.16
CA GLN A 8 0.40 4.17 4.94
C GLN A 8 0.16 5.68 4.83
N THR A 9 -0.20 6.08 3.65
CA THR A 9 -0.48 7.51 3.35
C THR A 9 -1.47 7.59 2.19
N PHE A 10 -1.87 8.80 1.90
CA PHE A 10 -2.84 9.05 0.80
C PHE A 10 -2.16 8.63 -0.52
N GLN A 11 -2.96 8.29 -1.49
CA GLN A 11 -2.42 7.86 -2.82
C GLN A 11 -3.26 8.52 -3.91
N THR A 12 -2.70 8.52 -5.10
CA THR A 12 -3.40 9.13 -6.27
C THR A 12 -4.00 7.95 -7.03
N CYS A 13 -3.20 6.93 -7.19
CA CYS A 13 -3.64 5.71 -7.91
C CYS A 13 -3.63 4.55 -6.91
N ALA A 14 -4.82 4.18 -6.53
CA ALA A 14 -4.97 3.07 -5.55
C ALA A 14 -6.36 2.45 -5.58
N SER A 15 -6.43 1.18 -5.90
CA SER A 15 -7.73 0.47 -5.98
C SER A 15 -8.22 0.21 -4.53
N SER A 16 -8.77 -0.96 -4.29
CA SER A 16 -9.28 -1.35 -2.95
C SER A 16 -8.74 -2.77 -2.69
N CYS A 17 -7.73 -3.12 -3.45
CA CYS A 17 -7.04 -4.45 -3.38
C CYS A 17 -5.57 -4.35 -2.90
N PRO A 18 -5.37 -4.16 -1.61
CA PRO A 18 -4.04 -3.88 -1.02
C PRO A 18 -2.93 -4.81 -1.52
N LYS A 19 -1.82 -4.19 -1.83
CA LYS A 19 -0.61 -4.90 -2.33
C LYS A 19 0.19 -5.05 -1.05
N THR A 20 0.71 -6.22 -0.84
CA THR A 20 1.51 -6.45 0.40
C THR A 20 2.86 -7.10 0.09
N CYS A 21 3.54 -7.48 1.14
CA CYS A 21 4.88 -8.14 1.00
C CYS A 21 4.73 -9.43 0.20
N GLU A 22 3.50 -9.86 0.08
CA GLU A 22 3.20 -11.10 -0.68
C GLU A 22 3.39 -10.71 -2.18
N THR A 23 2.81 -9.60 -2.55
CA THR A 23 2.88 -9.06 -3.95
C THR A 23 3.85 -7.89 -4.02
N ARG A 24 5.09 -8.22 -3.85
CA ARG A 24 6.15 -7.17 -3.89
C ARG A 24 6.34 -6.57 -5.27
N ASN A 25 5.81 -7.28 -6.22
CA ASN A 25 5.86 -6.92 -7.66
C ASN A 25 5.43 -5.46 -7.91
N LYS A 26 4.51 -5.01 -7.09
CA LYS A 26 3.97 -3.62 -7.17
C LYS A 26 4.22 -3.00 -5.79
N LEU A 27 4.50 -1.73 -5.79
CA LEU A 27 4.77 -0.97 -4.52
C LEU A 27 3.75 0.18 -4.33
N VAL A 28 2.52 -0.22 -4.50
CA VAL A 28 1.31 0.66 -4.39
C VAL A 28 0.24 -0.09 -3.63
N LEU A 29 -0.94 0.48 -3.62
CA LEU A 29 -2.09 -0.14 -2.93
C LEU A 29 -2.50 -1.30 -3.82
N CYS A 30 -2.52 -1.01 -5.08
CA CYS A 30 -2.89 -2.02 -6.11
C CYS A 30 -2.70 -1.40 -7.50
N ASP A 31 -2.77 -2.23 -8.51
CA ASP A 31 -2.60 -1.76 -9.93
C ASP A 31 -3.91 -1.88 -10.72
N LYS A 32 -4.86 -2.59 -10.17
CA LYS A 32 -6.18 -2.79 -10.83
C LYS A 32 -7.03 -1.50 -10.97
N LYS A 33 -6.75 -0.52 -10.16
CA LYS A 33 -7.52 0.78 -10.22
C LYS A 33 -6.76 1.92 -9.54
N CYS A 34 -7.09 3.11 -9.98
CA CYS A 34 -6.48 4.35 -9.43
C CYS A 34 -7.46 5.28 -8.69
N ASN A 35 -7.77 4.88 -7.50
CA ASN A 35 -8.71 5.69 -6.64
C ASN A 35 -7.77 6.59 -5.81
N GLN A 36 -8.12 7.84 -5.63
CA GLN A 36 -7.24 8.76 -4.82
C GLN A 36 -7.64 8.50 -3.36
N ARG A 37 -6.89 7.64 -2.73
CA ARG A 37 -7.15 7.27 -1.29
C ARG A 37 -5.96 6.59 -0.62
N CYS A 38 -6.20 6.14 0.59
CA CYS A 38 -5.16 5.44 1.40
C CYS A 38 -4.44 4.30 0.67
N GLY A 39 -3.23 4.07 1.11
CA GLY A 39 -2.38 3.00 0.53
C GLY A 39 -0.95 3.09 1.01
N CYS A 40 -0.21 2.03 0.79
CA CYS A 40 1.21 2.02 1.21
C CYS A 40 1.99 3.13 0.52
N ILE A 41 3.01 3.57 1.20
CA ILE A 41 3.86 4.67 0.65
C ILE A 41 4.49 4.18 -0.66
N SER A 42 4.95 5.13 -1.41
CA SER A 42 5.59 4.84 -2.72
C SER A 42 6.94 4.14 -2.52
N GLY A 43 6.88 2.85 -2.67
CA GLY A 43 8.08 1.97 -2.50
C GLY A 43 7.79 0.88 -1.47
N THR A 44 6.77 1.10 -0.67
CA THR A 44 6.38 0.11 0.38
C THR A 44 5.15 -0.70 -0.01
N VAL A 45 5.04 -1.78 0.72
CA VAL A 45 3.94 -2.78 0.59
C VAL A 45 3.50 -3.11 2.01
N LEU A 46 2.21 -3.33 2.16
CA LEU A 46 1.66 -3.65 3.51
C LEU A 46 2.44 -4.88 4.03
N LYS A 47 2.88 -4.79 5.26
CA LYS A 47 3.66 -5.90 5.90
C LYS A 47 3.08 -7.30 5.63
N SER A 48 1.78 -7.39 5.62
CA SER A 48 1.11 -8.70 5.37
C SER A 48 -0.18 -8.51 4.59
N LYS A 49 -0.82 -9.62 4.32
CA LYS A 49 -2.11 -9.65 3.56
C LYS A 49 -3.08 -8.56 4.04
N ASP A 50 -2.93 -8.19 5.29
CA ASP A 50 -3.81 -7.13 5.87
C ASP A 50 -3.22 -6.59 7.19
N SER A 51 -2.04 -6.05 7.10
CA SER A 51 -1.36 -5.48 8.32
C SER A 51 -1.83 -4.00 8.48
N SER A 52 -1.03 -3.19 9.13
CA SER A 52 -1.35 -1.75 9.38
C SER A 52 -0.15 -0.88 8.94
N GLU A 53 1.01 -1.48 8.98
CA GLU A 53 2.27 -0.78 8.58
C GLU A 53 2.85 -1.40 7.33
N CYS A 54 3.23 -0.55 6.40
CA CYS A 54 3.82 -1.02 5.12
C CYS A 54 5.33 -0.85 5.19
N VAL A 55 6.01 -1.84 4.69
CA VAL A 55 7.50 -1.87 4.68
C VAL A 55 7.95 -2.26 3.27
N HIS A 56 9.09 -1.77 2.85
CA HIS A 56 9.62 -2.10 1.50
C HIS A 56 9.83 -3.62 1.40
N PRO A 57 9.81 -4.16 0.19
CA PRO A 57 10.08 -5.60 -0.03
C PRO A 57 11.46 -6.01 0.49
N SER A 58 12.36 -5.07 0.47
CA SER A 58 13.76 -5.30 0.93
C SER A 58 13.87 -5.51 2.45
N LYS A 59 12.87 -5.10 3.18
CA LYS A 59 12.85 -5.24 4.67
C LYS A 59 11.74 -6.17 5.17
N CYS A 60 10.73 -6.34 4.37
CA CYS A 60 9.58 -7.23 4.76
C CYS A 60 10.06 -8.57 5.37
N ASN A 1 -11.49 13.76 3.59
CA ASN A 1 -10.51 13.09 4.50
C ASN A 1 -9.97 11.82 3.82
N PHE A 2 -8.75 11.51 4.15
CA PHE A 2 -8.05 10.30 3.58
C PHE A 2 -6.84 9.90 4.44
N VAL A 3 -6.94 10.25 5.70
CA VAL A 3 -5.84 9.92 6.68
C VAL A 3 -5.56 8.42 6.73
N CYS A 4 -4.28 8.13 6.77
CA CYS A 4 -3.77 6.74 6.83
C CYS A 4 -3.55 6.26 8.28
N PRO A 5 -3.13 5.02 8.41
CA PRO A 5 -2.32 4.55 9.52
C PRO A 5 -0.81 4.67 9.23
N PRO A 6 0.00 4.37 10.23
CA PRO A 6 1.47 4.33 10.10
C PRO A 6 1.92 3.47 8.92
N GLY A 7 2.98 3.90 8.28
CA GLY A 7 3.52 3.14 7.11
C GLY A 7 2.81 3.42 5.78
N GLN A 8 1.64 4.02 5.82
CA GLN A 8 0.90 4.31 4.56
C GLN A 8 0.74 5.82 4.36
N THR A 9 0.52 6.18 3.12
CA THR A 9 0.33 7.60 2.69
C THR A 9 -0.78 7.73 1.65
N PHE A 10 -1.09 8.96 1.31
CA PHE A 10 -2.15 9.24 0.30
C PHE A 10 -1.69 8.90 -1.12
N GLN A 11 -2.63 8.51 -1.93
CA GLN A 11 -2.36 8.13 -3.35
C GLN A 11 -3.61 8.47 -4.15
N THR A 12 -3.44 8.46 -5.46
CA THR A 12 -4.57 8.79 -6.37
C THR A 12 -5.18 7.58 -7.08
N CYS A 13 -4.36 6.65 -7.54
CA CYS A 13 -4.94 5.47 -8.25
C CYS A 13 -4.58 4.08 -7.71
N ALA A 14 -5.52 3.53 -6.99
CA ALA A 14 -5.33 2.17 -6.41
C ALA A 14 -6.66 1.52 -5.99
N SER A 15 -6.87 0.28 -6.40
CA SER A 15 -8.15 -0.43 -6.04
C SER A 15 -7.98 -0.91 -4.58
N SER A 16 -8.78 -1.88 -4.21
CA SER A 16 -8.72 -2.44 -2.83
C SER A 16 -7.83 -3.69 -2.82
N CYS A 17 -6.83 -3.75 -3.70
CA CYS A 17 -5.93 -4.94 -3.72
C CYS A 17 -4.55 -4.56 -3.15
N PRO A 18 -4.43 -4.48 -1.84
CA PRO A 18 -3.27 -3.82 -1.19
C PRO A 18 -1.92 -4.41 -1.59
N LYS A 19 -0.93 -3.55 -1.66
CA LYS A 19 0.44 -3.98 -2.03
C LYS A 19 1.08 -4.42 -0.73
N THR A 20 1.29 -5.70 -0.63
CA THR A 20 1.90 -6.28 0.59
C THR A 20 3.20 -7.00 0.25
N CYS A 21 3.83 -7.52 1.29
CA CYS A 21 5.11 -8.25 1.10
C CYS A 21 4.86 -9.41 0.12
N GLU A 22 3.61 -9.80 0.05
CA GLU A 22 3.18 -10.91 -0.86
C GLU A 22 3.35 -10.37 -2.30
N THR A 23 2.85 -9.18 -2.56
CA THR A 23 2.97 -8.59 -3.94
C THR A 23 4.37 -8.00 -4.21
N ARG A 24 4.64 -6.82 -3.70
CA ARG A 24 5.96 -6.12 -3.89
C ARG A 24 6.20 -5.64 -5.34
N ASN A 25 5.39 -6.19 -6.20
CA ASN A 25 5.42 -5.90 -7.66
C ASN A 25 5.17 -4.42 -8.02
N LYS A 26 3.90 -4.14 -8.18
CA LYS A 26 3.35 -2.81 -8.53
C LYS A 26 3.68 -1.78 -7.46
N LEU A 27 4.28 -0.72 -7.92
CA LEU A 27 4.71 0.43 -7.04
C LEU A 27 3.59 1.38 -6.58
N VAL A 28 2.52 0.74 -6.23
CA VAL A 28 1.26 1.40 -5.73
C VAL A 28 0.49 0.39 -4.90
N LEU A 29 -0.37 0.92 -4.07
CA LEU A 29 -1.21 0.06 -3.18
C LEU A 29 -1.91 -1.02 -4.01
N CYS A 30 -2.39 -0.54 -5.11
CA CYS A 30 -3.12 -1.39 -6.11
C CYS A 30 -3.18 -0.62 -7.43
N ASP A 31 -3.62 -1.28 -8.48
CA ASP A 31 -3.73 -0.62 -9.82
C ASP A 31 -5.02 -0.97 -10.58
N LYS A 32 -5.68 -2.03 -10.14
CA LYS A 32 -6.95 -2.48 -10.81
C LYS A 32 -8.04 -1.40 -10.89
N LYS A 33 -7.92 -0.41 -10.04
CA LYS A 33 -8.89 0.74 -9.99
C LYS A 33 -8.16 1.95 -9.41
N CYS A 34 -8.75 3.10 -9.61
CA CYS A 34 -8.15 4.35 -9.09
C CYS A 34 -8.90 5.04 -7.94
N ASN A 35 -8.72 4.46 -6.79
CA ASN A 35 -9.36 5.00 -5.56
C ASN A 35 -8.35 5.99 -4.95
N GLN A 36 -8.68 7.24 -4.94
CA GLN A 36 -7.79 8.30 -4.38
C GLN A 36 -7.94 8.43 -2.86
N ARG A 37 -7.36 7.45 -2.23
CA ARG A 37 -7.36 7.33 -0.74
C ARG A 37 -5.94 6.98 -0.29
N CYS A 38 -5.82 6.33 0.83
CA CYS A 38 -4.47 5.94 1.33
C CYS A 38 -3.85 4.76 0.54
N GLY A 39 -2.60 4.46 0.87
CA GLY A 39 -1.84 3.35 0.21
C GLY A 39 -0.36 3.40 0.64
N CYS A 40 0.25 2.25 0.82
CA CYS A 40 1.69 2.19 1.25
C CYS A 40 2.61 3.13 0.48
N ILE A 41 3.71 3.45 1.10
CA ILE A 41 4.68 4.36 0.45
C ILE A 41 5.19 3.59 -0.78
N SER A 42 5.65 4.32 -1.75
CA SER A 42 6.18 3.68 -3.00
C SER A 42 7.61 3.20 -2.69
N GLY A 43 7.63 1.99 -2.19
CA GLY A 43 8.89 1.30 -1.80
C GLY A 43 8.58 0.36 -0.64
N THR A 44 7.51 0.67 0.07
CA THR A 44 7.06 -0.15 1.22
C THR A 44 5.84 -0.96 0.82
N VAL A 45 5.62 -1.98 1.59
CA VAL A 45 4.47 -2.90 1.39
C VAL A 45 3.84 -3.31 2.70
N LEU A 46 2.56 -3.13 2.73
CA LEU A 46 1.71 -3.46 3.92
C LEU A 46 2.05 -4.89 4.35
N LYS A 47 2.83 -4.96 5.40
CA LYS A 47 3.32 -6.25 6.03
C LYS A 47 2.61 -7.52 5.54
N SER A 48 1.31 -7.54 5.68
CA SER A 48 0.48 -8.70 5.25
C SER A 48 -0.70 -8.25 4.42
N LYS A 49 -1.44 -9.25 3.96
CA LYS A 49 -2.66 -9.06 3.11
C LYS A 49 -3.53 -7.89 3.56
N ASP A 50 -3.43 -7.54 4.82
CA ASP A 50 -4.25 -6.40 5.34
C ASP A 50 -3.74 -5.97 6.73
N SER A 51 -2.48 -5.61 6.78
CA SER A 51 -1.85 -5.17 8.07
C SER A 51 -2.25 -3.69 8.32
N SER A 52 -1.39 -2.94 8.96
CA SER A 52 -1.63 -1.50 9.27
C SER A 52 -0.30 -0.73 9.27
N GLU A 53 0.73 -1.38 8.77
CA GLU A 53 2.10 -0.78 8.68
C GLU A 53 2.82 -1.43 7.49
N CYS A 54 3.31 -0.59 6.61
CA CYS A 54 4.02 -1.07 5.40
C CYS A 54 5.53 -1.03 5.64
N VAL A 55 6.17 -2.10 5.27
CA VAL A 55 7.64 -2.25 5.41
C VAL A 55 8.22 -2.65 4.06
N HIS A 56 9.41 -2.18 3.77
CA HIS A 56 10.05 -2.51 2.45
C HIS A 56 10.17 -4.04 2.30
N PRO A 57 10.22 -4.51 1.07
CA PRO A 57 10.38 -5.96 0.80
C PRO A 57 11.70 -6.50 1.38
N SER A 58 12.63 -5.61 1.52
CA SER A 58 13.98 -5.95 2.06
C SER A 58 13.98 -6.19 3.58
N LYS A 59 12.99 -5.66 4.26
CA LYS A 59 12.88 -5.83 5.74
C LYS A 59 11.73 -6.76 6.14
N CYS A 60 10.78 -6.90 5.26
CA CYS A 60 9.60 -7.79 5.53
C CYS A 60 10.06 -9.15 6.12
N ASN A 1 -12.96 12.96 5.93
CA ASN A 1 -11.48 12.89 5.82
C ASN A 1 -11.07 11.63 5.02
N PHE A 2 -9.78 11.43 4.93
CA PHE A 2 -9.22 10.25 4.19
C PHE A 2 -7.83 9.89 4.76
N VAL A 3 -7.67 10.17 6.02
CA VAL A 3 -6.38 9.88 6.73
C VAL A 3 -6.12 8.37 6.77
N CYS A 4 -4.86 8.07 6.61
CA CYS A 4 -4.36 6.66 6.61
C CYS A 4 -4.21 6.14 8.05
N PRO A 5 -3.74 4.91 8.18
CA PRO A 5 -2.97 4.48 9.34
C PRO A 5 -1.45 4.70 9.16
N PRO A 6 -0.70 4.43 10.21
CA PRO A 6 0.77 4.47 10.18
C PRO A 6 1.35 3.65 9.03
N GLY A 7 2.42 4.16 8.46
CA GLY A 7 3.08 3.45 7.32
C GLY A 7 2.42 3.67 5.95
N GLN A 8 1.21 4.20 5.92
CA GLN A 8 0.54 4.43 4.61
C GLN A 8 0.22 5.93 4.37
N THR A 9 0.27 6.32 3.12
CA THR A 9 -0.01 7.72 2.66
C THR A 9 -1.11 7.80 1.58
N PHE A 10 -1.73 8.96 1.46
CA PHE A 10 -2.82 9.18 0.43
C PHE A 10 -2.22 9.10 -0.97
N GLN A 11 -2.96 8.53 -1.88
CA GLN A 11 -2.50 8.38 -3.30
C GLN A 11 -3.68 8.42 -4.24
N THR A 12 -3.37 8.79 -5.45
CA THR A 12 -4.41 8.89 -6.52
C THR A 12 -4.68 7.48 -7.02
N CYS A 13 -3.65 6.81 -7.46
CA CYS A 13 -3.82 5.42 -7.97
C CYS A 13 -3.56 4.40 -6.88
N ALA A 14 -4.62 4.09 -6.20
CA ALA A 14 -4.58 3.11 -5.09
C ALA A 14 -5.97 2.57 -4.81
N SER A 15 -6.24 1.49 -5.50
CA SER A 15 -7.56 0.82 -5.37
C SER A 15 -7.70 -0.06 -4.15
N SER A 16 -8.92 -0.53 -4.01
CA SER A 16 -9.31 -1.41 -2.89
C SER A 16 -8.52 -2.72 -2.80
N CYS A 17 -7.57 -2.97 -3.69
CA CYS A 17 -6.80 -4.26 -3.57
C CYS A 17 -5.37 -3.96 -3.02
N PRO A 18 -5.22 -3.91 -1.72
CA PRO A 18 -3.94 -3.51 -1.10
C PRO A 18 -2.77 -4.44 -1.42
N LYS A 19 -1.57 -3.89 -1.48
CA LYS A 19 -0.41 -4.76 -1.79
C LYS A 19 0.31 -4.95 -0.47
N THR A 20 0.93 -6.09 -0.37
CA THR A 20 1.68 -6.43 0.86
C THR A 20 3.02 -7.08 0.57
N CYS A 21 3.62 -7.53 1.66
CA CYS A 21 4.95 -8.21 1.59
C CYS A 21 4.86 -9.45 0.69
N GLU A 22 3.64 -9.85 0.45
CA GLU A 22 3.34 -11.03 -0.41
C GLU A 22 3.22 -10.55 -1.88
N THR A 23 2.38 -9.56 -2.10
CA THR A 23 2.15 -8.98 -3.48
C THR A 23 2.92 -7.69 -3.67
N ARG A 24 4.18 -7.79 -3.38
CA ARG A 24 5.07 -6.60 -3.51
C ARG A 24 5.19 -6.09 -4.95
N ASN A 25 4.83 -6.97 -5.85
CA ASN A 25 4.86 -6.67 -7.31
C ASN A 25 4.06 -5.43 -7.74
N LYS A 26 3.24 -4.94 -6.84
CA LYS A 26 2.39 -3.75 -7.11
C LYS A 26 3.12 -2.52 -6.55
N LEU A 27 3.43 -1.59 -7.41
CA LEU A 27 4.15 -0.34 -6.99
C LEU A 27 3.27 0.81 -6.45
N VAL A 28 2.12 0.38 -6.06
CA VAL A 28 1.03 1.22 -5.47
C VAL A 28 0.11 0.25 -4.77
N LEU A 29 -0.73 0.81 -3.95
CA LEU A 29 -1.70 0.01 -3.15
C LEU A 29 -2.25 -1.20 -3.92
N CYS A 30 -2.71 -0.91 -5.09
CA CYS A 30 -3.30 -1.94 -6.00
C CYS A 30 -2.54 -1.82 -7.34
N ASP A 31 -3.22 -1.82 -8.47
CA ASP A 31 -2.50 -1.72 -9.79
C ASP A 31 -3.48 -1.73 -10.96
N LYS A 32 -4.53 -2.50 -10.79
CA LYS A 32 -5.59 -2.64 -11.86
C LYS A 32 -6.66 -1.54 -11.71
N LYS A 33 -6.40 -0.61 -10.82
CA LYS A 33 -7.35 0.52 -10.57
C LYS A 33 -6.68 1.67 -9.81
N CYS A 34 -7.22 2.83 -10.05
CA CYS A 34 -6.73 4.08 -9.42
C CYS A 34 -7.79 4.82 -8.57
N ASN A 35 -7.95 4.32 -7.38
CA ASN A 35 -8.94 4.94 -6.43
C ASN A 35 -8.16 5.94 -5.56
N GLN A 36 -8.74 7.08 -5.31
CA GLN A 36 -8.09 8.13 -4.47
C GLN A 36 -8.31 7.71 -3.02
N ARG A 37 -7.45 6.82 -2.63
CA ARG A 37 -7.44 6.24 -1.26
C ARG A 37 -5.99 6.20 -0.78
N CYS A 38 -5.78 5.67 0.40
CA CYS A 38 -4.38 5.61 0.93
C CYS A 38 -3.55 4.56 0.16
N GLY A 39 -2.34 4.34 0.60
CA GLY A 39 -1.42 3.35 -0.03
C GLY A 39 -0.04 3.52 0.60
N CYS A 40 0.63 2.42 0.86
CA CYS A 40 2.00 2.44 1.49
C CYS A 40 2.94 3.52 0.96
N ILE A 41 3.98 3.73 1.72
CA ILE A 41 4.99 4.76 1.34
C ILE A 41 5.62 4.33 0.01
N SER A 42 6.17 5.29 -0.68
CA SER A 42 6.83 5.01 -1.99
C SER A 42 8.11 4.23 -1.70
N GLY A 43 7.99 2.94 -1.82
CA GLY A 43 9.14 2.01 -1.56
C GLY A 43 8.80 1.03 -0.43
N THR A 44 7.52 0.90 -0.13
CA THR A 44 7.06 -0.03 0.95
C THR A 44 5.76 -0.75 0.57
N VAL A 45 5.50 -1.77 1.34
CA VAL A 45 4.31 -2.65 1.20
C VAL A 45 3.69 -2.94 2.55
N LEU A 46 2.39 -3.10 2.56
CA LEU A 46 1.67 -3.37 3.84
C LEU A 46 2.25 -4.67 4.42
N LYS A 47 2.93 -4.50 5.54
CA LYS A 47 3.60 -5.58 6.32
C LYS A 47 3.10 -7.02 6.06
N SER A 48 1.80 -7.18 6.02
CA SER A 48 1.21 -8.53 5.76
C SER A 48 -0.08 -8.39 4.97
N LYS A 49 -0.62 -9.55 4.65
CA LYS A 49 -1.89 -9.66 3.87
C LYS A 49 -2.98 -8.68 4.33
N ASP A 50 -2.86 -8.21 5.55
CA ASP A 50 -3.88 -7.26 6.10
C ASP A 50 -3.37 -6.55 7.37
N SER A 51 -2.19 -5.96 7.28
CA SER A 51 -1.60 -5.24 8.46
C SER A 51 -2.18 -3.81 8.50
N SER A 52 -1.46 -2.89 9.09
CA SER A 52 -1.89 -1.47 9.21
C SER A 52 -0.60 -0.62 9.29
N GLU A 53 0.47 -1.20 8.81
CA GLU A 53 1.82 -0.57 8.77
C GLU A 53 2.55 -1.19 7.59
N CYS A 54 3.29 -0.38 6.86
CA CYS A 54 4.04 -0.90 5.68
C CYS A 54 5.55 -0.86 5.91
N VAL A 55 6.22 -1.85 5.36
CA VAL A 55 7.70 -1.98 5.48
C VAL A 55 8.28 -2.21 4.08
N HIS A 56 9.56 -2.01 3.97
CA HIS A 56 10.26 -2.19 2.67
C HIS A 56 10.15 -3.61 2.06
N PRO A 57 10.21 -3.69 0.76
CA PRO A 57 10.40 -4.98 0.06
C PRO A 57 11.86 -5.48 0.14
N SER A 58 12.61 -4.85 1.01
CA SER A 58 14.04 -5.23 1.22
C SER A 58 14.05 -6.40 2.20
N LYS A 59 13.17 -6.30 3.17
CA LYS A 59 13.02 -7.34 4.22
C LYS A 59 11.90 -8.28 3.76
N CYS A 60 10.89 -7.67 3.18
CA CYS A 60 9.71 -8.42 2.67
C CYS A 60 9.88 -8.92 1.23
N ASN A 1 -10.99 13.81 5.46
CA ASN A 1 -9.70 13.65 4.73
C ASN A 1 -9.35 12.16 4.62
N PHE A 2 -8.60 11.85 3.59
CA PHE A 2 -8.18 10.45 3.32
C PHE A 2 -6.90 10.14 4.12
N VAL A 3 -7.03 10.16 5.42
CA VAL A 3 -5.87 9.88 6.32
C VAL A 3 -5.47 8.41 6.26
N CYS A 4 -4.37 8.15 6.91
CA CYS A 4 -3.80 6.78 6.99
C CYS A 4 -3.36 6.45 8.42
N PRO A 5 -2.92 5.23 8.63
CA PRO A 5 -2.00 4.88 9.72
C PRO A 5 -0.52 4.97 9.29
N PRO A 6 0.38 4.71 10.21
CA PRO A 6 1.82 4.59 9.92
C PRO A 6 2.10 3.68 8.71
N GLY A 7 3.16 3.97 8.01
CA GLY A 7 3.54 3.15 6.81
C GLY A 7 2.71 3.45 5.56
N GLN A 8 1.59 4.12 5.74
CA GLN A 8 0.70 4.45 4.57
C GLN A 8 0.49 5.96 4.47
N THR A 9 0.17 6.38 3.27
CA THR A 9 -0.08 7.83 2.97
C THR A 9 -1.16 7.97 1.91
N PHE A 10 -1.58 9.19 1.73
CA PHE A 10 -2.64 9.50 0.72
C PHE A 10 -2.05 9.20 -0.67
N GLN A 11 -2.92 8.85 -1.58
CA GLN A 11 -2.45 8.54 -2.96
C GLN A 11 -3.67 8.63 -3.88
N THR A 12 -3.43 9.07 -5.10
CA THR A 12 -4.54 9.20 -6.08
C THR A 12 -4.89 7.83 -6.66
N CYS A 13 -3.89 6.97 -6.73
CA CYS A 13 -4.11 5.61 -7.27
C CYS A 13 -3.96 4.49 -6.24
N ALA A 14 -5.09 4.20 -5.64
CA ALA A 14 -5.19 3.14 -4.60
C ALA A 14 -6.23 2.11 -5.06
N SER A 15 -6.59 1.19 -4.20
CA SER A 15 -7.61 0.16 -4.60
C SER A 15 -7.98 -0.72 -3.41
N SER A 16 -9.00 -1.50 -3.63
CA SER A 16 -9.51 -2.43 -2.60
C SER A 16 -8.63 -3.71 -2.61
N CYS A 17 -7.60 -3.68 -3.43
CA CYS A 17 -6.63 -4.80 -3.61
C CYS A 17 -5.22 -4.50 -3.05
N PRO A 18 -5.10 -4.45 -1.75
CA PRO A 18 -3.86 -4.01 -1.08
C PRO A 18 -2.64 -4.87 -1.43
N LYS A 19 -1.50 -4.21 -1.48
CA LYS A 19 -0.21 -4.89 -1.80
C LYS A 19 0.42 -5.24 -0.47
N THR A 20 1.16 -6.31 -0.47
CA THR A 20 1.82 -6.77 0.77
C THR A 20 3.17 -7.44 0.47
N CYS A 21 3.79 -7.96 1.51
CA CYS A 21 5.10 -8.65 1.34
C CYS A 21 4.93 -9.79 0.34
N GLU A 22 3.71 -10.23 0.20
CA GLU A 22 3.39 -11.34 -0.75
C GLU A 22 3.51 -10.80 -2.19
N THR A 23 2.87 -9.68 -2.44
CA THR A 23 2.89 -9.05 -3.80
C THR A 23 3.86 -7.86 -3.89
N ARG A 24 5.09 -8.16 -3.59
CA ARG A 24 6.13 -7.11 -3.64
C ARG A 24 6.47 -6.65 -5.05
N ASN A 25 5.96 -7.40 -5.98
CA ASN A 25 6.18 -7.12 -7.41
C ASN A 25 5.71 -5.70 -7.80
N LYS A 26 4.82 -5.15 -7.01
CA LYS A 26 4.27 -3.79 -7.24
C LYS A 26 4.62 -2.95 -6.01
N LEU A 27 5.15 -1.77 -6.27
CA LEU A 27 5.56 -0.82 -5.18
C LEU A 27 4.49 0.26 -4.95
N VAL A 28 3.29 -0.24 -4.96
CA VAL A 28 2.04 0.58 -4.76
C VAL A 28 1.01 -0.33 -4.12
N LEU A 29 -0.01 0.30 -3.59
CA LEU A 29 -1.10 -0.46 -2.92
C LEU A 29 -1.73 -1.48 -3.87
N CYS A 30 -1.76 -1.09 -5.11
CA CYS A 30 -2.32 -1.94 -6.21
C CYS A 30 -2.11 -1.16 -7.52
N ASP A 31 -2.32 -1.82 -8.63
CA ASP A 31 -2.14 -1.16 -9.96
C ASP A 31 -3.38 -1.26 -10.88
N LYS A 32 -4.25 -2.17 -10.56
CA LYS A 32 -5.49 -2.36 -11.39
C LYS A 32 -6.60 -1.33 -11.08
N LYS A 33 -6.31 -0.36 -10.26
CA LYS A 33 -7.32 0.68 -9.89
C LYS A 33 -6.69 1.90 -9.24
N CYS A 34 -7.38 3.01 -9.40
CA CYS A 34 -6.92 4.31 -8.82
C CYS A 34 -7.93 5.09 -7.99
N ASN A 35 -8.00 4.66 -6.77
CA ASN A 35 -8.90 5.26 -5.74
C ASN A 35 -8.12 6.40 -5.06
N GLN A 36 -8.78 7.52 -4.86
CA GLN A 36 -8.11 8.69 -4.21
C GLN A 36 -8.42 8.59 -2.71
N ARG A 37 -7.70 7.66 -2.13
CA ARG A 37 -7.79 7.34 -0.68
C ARG A 37 -6.37 7.03 -0.18
N CYS A 38 -6.29 6.29 0.90
CA CYS A 38 -4.94 5.95 1.44
C CYS A 38 -4.35 4.74 0.70
N GLY A 39 -3.06 4.58 0.82
CA GLY A 39 -2.34 3.45 0.17
C GLY A 39 -0.86 3.49 0.54
N CYS A 40 -0.22 2.34 0.45
CA CYS A 40 1.22 2.24 0.79
C CYS A 40 2.05 3.26 0.02
N ILE A 41 3.12 3.67 0.66
CA ILE A 41 4.04 4.67 0.05
C ILE A 41 4.64 4.03 -1.21
N SER A 42 5.20 4.87 -2.04
CA SER A 42 5.82 4.41 -3.31
C SER A 42 7.15 3.73 -2.96
N GLY A 43 7.07 2.43 -2.84
CA GLY A 43 8.27 1.60 -2.50
C GLY A 43 7.90 0.61 -1.39
N THR A 44 6.76 0.81 -0.78
CA THR A 44 6.30 -0.08 0.32
C THR A 44 5.08 -0.92 -0.05
N VAL A 45 4.94 -1.94 0.74
CA VAL A 45 3.84 -2.94 0.64
C VAL A 45 3.23 -3.14 2.04
N LEU A 46 1.92 -3.13 2.11
CA LEU A 46 1.22 -3.33 3.42
C LEU A 46 1.68 -4.67 4.01
N LYS A 47 2.61 -4.58 4.92
CA LYS A 47 3.24 -5.73 5.65
C LYS A 47 2.64 -7.11 5.37
N SER A 48 1.36 -7.24 5.63
CA SER A 48 0.65 -8.54 5.40
C SER A 48 -0.65 -8.29 4.65
N LYS A 49 -1.25 -9.38 4.26
CA LYS A 49 -2.56 -9.43 3.51
C LYS A 49 -3.51 -8.27 3.80
N ASP A 50 -3.42 -7.79 5.02
CA ASP A 50 -4.28 -6.66 5.45
C ASP A 50 -3.78 -6.08 6.78
N SER A 51 -2.53 -5.68 6.77
CA SER A 51 -1.91 -5.09 8.01
C SER A 51 -2.37 -3.61 8.10
N SER A 52 -1.59 -2.78 8.76
CA SER A 52 -1.92 -1.33 8.92
C SER A 52 -0.66 -0.48 8.72
N GLU A 53 0.42 -1.13 8.38
CA GLU A 53 1.73 -0.46 8.15
C GLU A 53 2.42 -1.13 6.97
N CYS A 54 2.89 -0.31 6.07
CA CYS A 54 3.58 -0.84 4.86
C CYS A 54 5.10 -0.72 5.06
N VAL A 55 5.76 -1.75 4.62
CA VAL A 55 7.24 -1.87 4.70
C VAL A 55 7.78 -2.19 3.31
N HIS A 56 8.96 -1.73 2.99
CA HIS A 56 9.53 -2.02 1.64
C HIS A 56 9.80 -3.53 1.51
N PRO A 57 9.88 -4.01 0.30
CA PRO A 57 10.27 -5.42 0.05
C PRO A 57 11.62 -5.77 0.68
N SER A 58 12.42 -4.76 0.92
CA SER A 58 13.77 -4.98 1.54
C SER A 58 13.66 -5.40 3.02
N LYS A 59 12.56 -5.06 3.64
CA LYS A 59 12.38 -5.44 5.08
C LYS A 59 11.65 -6.79 5.06
N CYS A 60 10.68 -6.87 4.19
CA CYS A 60 9.88 -8.12 4.04
C CYS A 60 10.81 -9.31 3.71
N ASN A 1 -6.75 14.05 0.79
CA ASN A 1 -7.94 14.28 1.65
C ASN A 1 -8.48 12.91 2.15
N PHE A 2 -7.57 12.11 2.63
CA PHE A 2 -7.94 10.76 3.15
C PHE A 2 -6.84 10.34 4.15
N VAL A 3 -7.26 10.21 5.39
CA VAL A 3 -6.32 9.81 6.49
C VAL A 3 -5.87 8.35 6.38
N CYS A 4 -4.68 8.14 6.87
CA CYS A 4 -4.03 6.79 6.88
C CYS A 4 -3.82 6.21 8.29
N PRO A 5 -3.41 4.95 8.33
CA PRO A 5 -2.67 4.38 9.46
C PRO A 5 -1.14 4.49 9.28
N PRO A 6 -0.40 4.06 10.28
CA PRO A 6 1.08 4.02 10.24
C PRO A 6 1.63 3.40 8.96
N GLY A 7 2.80 3.83 8.57
CA GLY A 7 3.45 3.30 7.33
C GLY A 7 2.76 3.63 6.02
N GLN A 8 1.57 4.20 6.07
CA GLN A 8 0.81 4.54 4.82
C GLN A 8 0.63 6.05 4.65
N THR A 9 0.41 6.41 3.41
CA THR A 9 0.20 7.83 2.98
C THR A 9 -0.87 7.85 1.88
N PHE A 10 -1.24 9.03 1.46
CA PHE A 10 -2.28 9.15 0.38
C PHE A 10 -1.77 8.37 -0.84
N GLN A 11 -2.68 7.97 -1.68
CA GLN A 11 -2.29 7.19 -2.88
C GLN A 11 -3.38 7.63 -3.88
N THR A 12 -3.00 8.19 -5.00
CA THR A 12 -4.01 8.65 -5.99
C THR A 12 -4.61 7.50 -6.83
N CYS A 13 -3.79 6.60 -7.30
CA CYS A 13 -4.35 5.48 -8.12
C CYS A 13 -4.12 4.08 -7.54
N ALA A 14 -5.16 3.58 -6.93
CA ALA A 14 -5.07 2.23 -6.31
C ALA A 14 -6.46 1.64 -6.05
N SER A 15 -6.67 0.41 -6.46
CA SER A 15 -7.99 -0.26 -6.25
C SER A 15 -8.06 -0.68 -4.77
N SER A 16 -8.54 -1.88 -4.54
CA SER A 16 -8.66 -2.41 -3.15
C SER A 16 -7.73 -3.64 -3.06
N CYS A 17 -6.71 -3.68 -3.89
CA CYS A 17 -5.76 -4.83 -3.86
C CYS A 17 -4.39 -4.40 -3.27
N PRO A 18 -4.32 -4.21 -1.97
CA PRO A 18 -3.18 -3.52 -1.33
C PRO A 18 -1.82 -4.21 -1.58
N LYS A 19 -0.79 -3.40 -1.67
CA LYS A 19 0.58 -3.93 -1.90
C LYS A 19 1.04 -4.41 -0.53
N THR A 20 1.54 -5.60 -0.52
CA THR A 20 2.04 -6.20 0.75
C THR A 20 3.31 -7.00 0.47
N CYS A 21 3.91 -7.49 1.52
CA CYS A 21 5.16 -8.30 1.33
C CYS A 21 4.87 -9.48 0.40
N GLU A 22 3.61 -9.83 0.34
CA GLU A 22 3.15 -10.96 -0.53
C GLU A 22 2.99 -10.45 -1.98
N THR A 23 2.34 -9.32 -2.15
CA THR A 23 2.12 -8.75 -3.51
C THR A 23 2.87 -7.41 -3.65
N ARG A 24 4.14 -7.61 -3.75
CA ARG A 24 5.16 -6.52 -3.90
C ARG A 24 5.35 -6.13 -5.37
N ASN A 25 4.87 -7.01 -6.20
CA ASN A 25 4.95 -6.87 -7.69
C ASN A 25 4.55 -5.49 -8.24
N LYS A 26 3.60 -4.86 -7.59
CA LYS A 26 3.11 -3.52 -8.01
C LYS A 26 3.72 -2.51 -7.04
N LEU A 27 4.38 -1.54 -7.61
CA LEU A 27 5.04 -0.46 -6.81
C LEU A 27 4.08 0.69 -6.50
N VAL A 28 2.89 0.23 -6.20
CA VAL A 28 1.74 1.11 -5.85
C VAL A 28 0.85 0.22 -5.02
N LEU A 29 -0.01 0.84 -4.27
CA LEU A 29 -0.95 0.08 -3.41
C LEU A 29 -1.67 -0.98 -4.24
N CYS A 30 -2.06 -0.53 -5.39
CA CYS A 30 -2.78 -1.39 -6.37
C CYS A 30 -2.83 -0.63 -7.71
N ASP A 31 -3.24 -1.31 -8.75
CA ASP A 31 -3.32 -0.68 -10.11
C ASP A 31 -4.63 -1.01 -10.85
N LYS A 32 -5.34 -2.01 -10.37
CA LYS A 32 -6.63 -2.43 -11.00
C LYS A 32 -7.65 -1.29 -11.11
N LYS A 33 -7.45 -0.28 -10.30
CA LYS A 33 -8.36 0.92 -10.28
C LYS A 33 -7.63 2.08 -9.60
N CYS A 34 -8.13 3.27 -9.84
CA CYS A 34 -7.51 4.48 -9.24
C CYS A 34 -8.34 5.19 -8.17
N ASN A 35 -8.33 4.59 -7.00
CA ASN A 35 -9.09 5.16 -5.84
C ASN A 35 -8.14 6.15 -5.15
N GLN A 36 -8.60 7.37 -4.98
CA GLN A 36 -7.77 8.42 -4.31
C GLN A 36 -8.02 8.34 -2.79
N ARG A 37 -7.36 7.36 -2.23
CA ARG A 37 -7.42 7.06 -0.77
C ARG A 37 -6.02 6.76 -0.26
N CYS A 38 -5.95 6.23 0.93
CA CYS A 38 -4.60 5.92 1.49
C CYS A 38 -4.06 4.61 0.88
N GLY A 39 -2.79 4.42 1.09
CA GLY A 39 -2.06 3.22 0.58
C GLY A 39 -0.59 3.33 1.02
N CYS A 40 0.07 2.21 1.18
CA CYS A 40 1.50 2.29 1.61
C CYS A 40 2.27 3.13 0.62
N ILE A 41 3.37 3.63 1.11
CA ILE A 41 4.22 4.49 0.24
C ILE A 41 4.78 3.63 -0.89
N SER A 42 5.16 4.30 -1.94
CA SER A 42 5.74 3.60 -3.13
C SER A 42 7.19 3.30 -2.79
N GLY A 43 7.31 2.18 -2.14
CA GLY A 43 8.62 1.65 -1.69
C GLY A 43 8.33 0.72 -0.51
N THR A 44 7.26 1.00 0.19
CA THR A 44 6.85 0.19 1.38
C THR A 44 5.58 -0.59 1.06
N VAL A 45 5.57 -1.80 1.53
CA VAL A 45 4.41 -2.71 1.33
C VAL A 45 3.80 -3.09 2.67
N LEU A 46 2.50 -2.97 2.72
CA LEU A 46 1.71 -3.29 3.95
C LEU A 46 2.07 -4.72 4.39
N LYS A 47 2.89 -4.78 5.41
CA LYS A 47 3.39 -6.06 6.02
C LYS A 47 2.68 -7.35 5.56
N SER A 48 1.40 -7.43 5.85
CA SER A 48 0.59 -8.62 5.46
C SER A 48 -0.56 -8.22 4.54
N LYS A 49 -1.30 -9.22 4.11
CA LYS A 49 -2.47 -9.05 3.20
C LYS A 49 -3.31 -7.82 3.56
N ASP A 50 -3.31 -7.52 4.83
CA ASP A 50 -4.08 -6.35 5.35
C ASP A 50 -3.62 -6.00 6.78
N SER A 51 -2.37 -5.64 6.90
CA SER A 51 -1.81 -5.26 8.23
C SER A 51 -2.12 -3.77 8.48
N SER A 52 -1.27 -3.08 9.20
CA SER A 52 -1.48 -1.62 9.49
C SER A 52 -0.23 -0.76 9.19
N GLU A 53 0.93 -1.37 9.21
CA GLU A 53 2.21 -0.64 8.94
C GLU A 53 2.83 -1.24 7.69
N CYS A 54 3.56 -0.41 7.00
CA CYS A 54 4.24 -0.83 5.74
C CYS A 54 5.75 -0.94 5.97
N VAL A 55 6.33 -1.81 5.19
CA VAL A 55 7.79 -2.09 5.24
C VAL A 55 8.29 -2.42 3.84
N HIS A 56 9.44 -1.89 3.50
CA HIS A 56 10.01 -2.15 2.14
C HIS A 56 10.17 -3.66 1.86
N PRO A 57 10.21 -4.02 0.58
CA PRO A 57 10.46 -5.41 0.16
C PRO A 57 11.76 -5.97 0.76
N SER A 58 12.71 -5.08 0.88
CA SER A 58 14.06 -5.44 1.45
C SER A 58 14.00 -5.75 2.95
N LYS A 59 12.96 -5.27 3.60
CA LYS A 59 12.78 -5.50 5.06
C LYS A 59 12.00 -6.79 5.26
N CYS A 60 10.89 -6.81 4.57
CA CYS A 60 9.96 -7.97 4.60
C CYS A 60 10.67 -9.34 4.72
N ASN A 1 -14.13 8.19 6.74
CA ASN A 1 -12.74 8.52 7.19
C ASN A 1 -11.76 8.33 6.02
N PHE A 2 -10.67 9.05 6.12
CA PHE A 2 -9.60 8.99 5.08
C PHE A 2 -8.22 9.11 5.74
N VAL A 3 -8.21 8.80 7.01
CA VAL A 3 -6.97 8.85 7.84
C VAL A 3 -6.39 7.44 7.93
N CYS A 4 -5.09 7.36 7.82
CA CYS A 4 -4.37 6.05 7.89
C CYS A 4 -3.00 6.10 8.58
N PRO A 5 -2.49 4.94 8.93
CA PRO A 5 -1.32 4.82 9.81
C PRO A 5 -0.04 5.32 9.14
N PRO A 6 1.07 5.34 9.85
CA PRO A 6 2.38 5.73 9.29
C PRO A 6 2.69 5.04 7.96
N GLY A 7 2.59 3.74 7.99
CA GLY A 7 2.85 2.90 6.79
C GLY A 7 2.00 3.24 5.57
N GLN A 8 0.88 3.91 5.77
CA GLN A 8 -0.01 4.28 4.62
C GLN A 8 -0.42 5.75 4.62
N THR A 9 -0.35 6.32 3.44
CA THR A 9 -0.71 7.75 3.22
C THR A 9 -1.57 7.89 1.97
N PHE A 10 -1.90 9.13 1.67
CA PHE A 10 -2.72 9.44 0.47
C PHE A 10 -1.93 8.87 -0.71
N GLN A 11 -2.57 7.97 -1.40
CA GLN A 11 -1.91 7.32 -2.57
C GLN A 11 -2.63 7.94 -3.78
N THR A 12 -2.09 7.77 -4.95
CA THR A 12 -2.74 8.36 -6.17
C THR A 12 -3.50 7.32 -7.00
N CYS A 13 -3.00 6.10 -7.04
CA CYS A 13 -3.71 5.05 -7.84
C CYS A 13 -3.70 3.68 -7.19
N ALA A 14 -4.84 3.34 -6.60
CA ALA A 14 -4.96 2.02 -5.93
C ALA A 14 -6.41 1.60 -5.70
N SER A 15 -6.76 0.40 -6.12
CA SER A 15 -8.15 -0.12 -5.94
C SER A 15 -8.29 -0.50 -4.46
N SER A 16 -8.77 -1.70 -4.22
CA SER A 16 -8.96 -2.21 -2.83
C SER A 16 -8.15 -3.51 -2.75
N CYS A 17 -7.13 -3.63 -3.59
CA CYS A 17 -6.29 -4.88 -3.58
C CYS A 17 -4.91 -4.60 -2.94
N PRO A 18 -4.84 -4.55 -1.62
CA PRO A 18 -3.62 -4.10 -0.91
C PRO A 18 -2.32 -4.74 -1.40
N LYS A 19 -1.32 -3.92 -1.54
CA LYS A 19 0.01 -4.39 -2.01
C LYS A 19 0.73 -4.72 -0.71
N THR A 20 0.96 -5.98 -0.51
CA THR A 20 1.65 -6.47 0.71
C THR A 20 2.98 -7.15 0.38
N CYS A 21 3.64 -7.64 1.40
CA CYS A 21 4.94 -8.33 1.19
C CYS A 21 4.70 -9.51 0.23
N GLU A 22 3.47 -9.93 0.19
CA GLU A 22 3.06 -11.06 -0.70
C GLU A 22 3.24 -10.60 -2.16
N THR A 23 2.75 -9.40 -2.44
CA THR A 23 2.87 -8.82 -3.81
C THR A 23 4.23 -8.19 -4.11
N ARG A 24 4.48 -6.99 -3.63
CA ARG A 24 5.79 -6.26 -3.86
C ARG A 24 6.02 -5.87 -5.32
N ASN A 25 5.20 -6.45 -6.15
CA ASN A 25 5.24 -6.23 -7.62
C ASN A 25 5.00 -4.77 -8.03
N LYS A 26 3.98 -4.15 -7.50
CA LYS A 26 3.65 -2.74 -7.84
C LYS A 26 4.38 -1.81 -6.86
N LEU A 27 4.09 -0.54 -7.02
CA LEU A 27 4.69 0.54 -6.17
C LEU A 27 3.57 1.45 -5.67
N VAL A 28 2.47 0.79 -5.43
CA VAL A 28 1.20 1.40 -4.93
C VAL A 28 0.34 0.33 -4.27
N LEU A 29 -0.50 0.79 -3.37
CA LEU A 29 -1.41 -0.13 -2.63
C LEU A 29 -2.13 -1.13 -3.54
N CYS A 30 -2.36 -0.72 -4.74
CA CYS A 30 -3.06 -1.56 -5.76
C CYS A 30 -2.95 -0.94 -7.15
N ASP A 31 -3.25 -1.73 -8.15
CA ASP A 31 -3.18 -1.26 -9.57
C ASP A 31 -4.51 -1.42 -10.35
N LYS A 32 -5.27 -2.38 -9.92
CA LYS A 32 -6.60 -2.69 -10.56
C LYS A 32 -7.49 -1.45 -10.81
N LYS A 33 -7.30 -0.45 -9.98
CA LYS A 33 -8.08 0.83 -10.08
C LYS A 33 -7.28 1.93 -9.41
N CYS A 34 -7.60 3.16 -9.75
CA CYS A 34 -6.90 4.32 -9.16
C CYS A 34 -7.72 5.15 -8.16
N ASN A 35 -7.84 4.61 -6.99
CA ASN A 35 -8.60 5.33 -5.92
C ASN A 35 -7.48 6.15 -5.27
N GLN A 36 -7.49 7.44 -5.49
CA GLN A 36 -6.42 8.29 -4.88
C GLN A 36 -6.79 8.54 -3.41
N ARG A 37 -6.25 7.66 -2.61
CA ARG A 37 -6.48 7.69 -1.13
C ARG A 37 -5.51 6.73 -0.42
N CYS A 38 -5.75 6.60 0.86
CA CYS A 38 -4.94 5.70 1.77
C CYS A 38 -4.30 4.50 1.09
N GLY A 39 -3.07 4.27 1.43
CA GLY A 39 -2.30 3.13 0.84
C GLY A 39 -0.82 3.22 1.11
N CYS A 40 -0.17 2.09 1.10
CA CYS A 40 1.30 2.05 1.36
C CYS A 40 2.04 3.06 0.50
N ILE A 41 3.11 3.54 1.08
CA ILE A 41 3.97 4.53 0.41
C ILE A 41 4.50 3.89 -0.89
N SER A 42 4.93 4.73 -1.80
CA SER A 42 5.46 4.21 -3.09
C SER A 42 6.83 3.55 -2.87
N GLY A 43 6.76 2.25 -2.74
CA GLY A 43 7.98 1.41 -2.51
C GLY A 43 7.77 0.50 -1.30
N THR A 44 6.78 0.81 -0.51
CA THR A 44 6.48 -0.01 0.71
C THR A 44 5.27 -0.90 0.48
N VAL A 45 5.28 -1.97 1.21
CA VAL A 45 4.19 -3.00 1.15
C VAL A 45 3.62 -3.32 2.54
N LEU A 46 2.32 -3.26 2.58
CA LEU A 46 1.52 -3.54 3.82
C LEU A 46 1.87 -4.94 4.33
N LYS A 47 2.73 -5.00 5.32
CA LYS A 47 3.20 -6.27 5.97
C LYS A 47 2.57 -7.57 5.48
N SER A 48 1.31 -7.68 5.81
CA SER A 48 0.52 -8.88 5.42
C SER A 48 -0.66 -8.52 4.53
N LYS A 49 -1.30 -9.57 4.06
CA LYS A 49 -2.49 -9.49 3.16
C LYS A 49 -3.43 -8.32 3.52
N ASP A 50 -3.43 -7.98 4.79
CA ASP A 50 -4.30 -6.86 5.27
C ASP A 50 -3.85 -6.42 6.69
N SER A 51 -2.62 -6.00 6.77
CA SER A 51 -2.04 -5.55 8.07
C SER A 51 -2.39 -4.05 8.27
N SER A 52 -1.59 -3.34 9.02
CA SER A 52 -1.81 -1.89 9.28
C SER A 52 -0.47 -1.12 9.19
N GLU A 53 0.56 -1.80 8.75
CA GLU A 53 1.91 -1.16 8.61
C GLU A 53 2.54 -1.63 7.30
N CYS A 54 3.27 -0.74 6.68
CA CYS A 54 3.94 -1.05 5.38
C CYS A 54 5.47 -0.92 5.56
N VAL A 55 6.16 -1.75 4.84
CA VAL A 55 7.66 -1.82 4.83
C VAL A 55 8.12 -2.23 3.44
N HIS A 56 9.23 -1.67 3.00
CA HIS A 56 9.75 -2.03 1.64
C HIS A 56 9.95 -3.56 1.49
N PRO A 57 9.98 -4.03 0.27
CA PRO A 57 10.25 -5.46 -0.01
C PRO A 57 11.58 -5.92 0.62
N SER A 58 12.51 -5.02 0.63
CA SER A 58 13.87 -5.30 1.22
C SER A 58 13.85 -5.34 2.76
N LYS A 59 12.75 -4.92 3.33
CA LYS A 59 12.59 -4.90 4.81
C LYS A 59 11.72 -6.07 5.29
N CYS A 60 10.71 -6.36 4.51
CA CYS A 60 9.78 -7.48 4.86
C CYS A 60 10.53 -8.75 5.30
N ASN A 1 -6.92 14.29 -0.12
CA ASN A 1 -6.30 13.63 1.06
C ASN A 1 -7.34 12.77 1.79
N PHE A 2 -6.87 11.75 2.46
CA PHE A 2 -7.75 10.82 3.22
C PHE A 2 -7.06 10.67 4.59
N VAL A 3 -7.19 9.52 5.17
CA VAL A 3 -6.58 9.23 6.51
C VAL A 3 -5.89 7.86 6.46
N CYS A 4 -4.77 7.82 7.13
CA CYS A 4 -3.94 6.57 7.20
C CYS A 4 -3.48 6.25 8.64
N PRO A 5 -2.84 5.11 8.78
CA PRO A 5 -1.82 4.85 9.81
C PRO A 5 -0.40 5.24 9.32
N PRO A 6 0.57 5.19 10.21
CA PRO A 6 1.98 5.54 9.96
C PRO A 6 2.58 5.08 8.61
N GLY A 7 2.68 3.79 8.43
CA GLY A 7 3.25 3.20 7.17
C GLY A 7 2.41 3.34 5.90
N GLN A 8 1.49 4.26 5.89
CA GLN A 8 0.63 4.46 4.67
C GLN A 8 0.35 5.96 4.47
N THR A 9 0.14 6.31 3.22
CA THR A 9 -0.15 7.72 2.82
C THR A 9 -1.28 7.78 1.78
N PHE A 10 -1.61 8.99 1.41
CA PHE A 10 -2.69 9.24 0.40
C PHE A 10 -2.15 9.07 -1.03
N GLN A 11 -2.73 8.16 -1.76
CA GLN A 11 -2.32 7.87 -3.18
C GLN A 11 -3.55 8.06 -4.05
N THR A 12 -3.34 8.68 -5.19
CA THR A 12 -4.47 8.92 -6.13
C THR A 12 -4.85 7.69 -6.96
N CYS A 13 -3.87 6.97 -7.45
CA CYS A 13 -4.19 5.75 -8.28
C CYS A 13 -3.90 4.35 -7.74
N ALA A 14 -4.90 3.80 -7.11
CA ALA A 14 -4.80 2.43 -6.53
C ALA A 14 -6.20 1.88 -6.27
N SER A 15 -6.46 0.66 -6.69
CA SER A 15 -7.82 0.06 -6.47
C SER A 15 -7.92 -0.34 -4.98
N SER A 16 -8.44 -1.50 -4.73
CA SER A 16 -8.59 -2.02 -3.34
C SER A 16 -7.78 -3.32 -3.28
N CYS A 17 -6.75 -3.40 -4.10
CA CYS A 17 -5.91 -4.66 -4.10
C CYS A 17 -4.52 -4.38 -3.45
N PRO A 18 -4.48 -4.27 -2.14
CA PRO A 18 -3.26 -3.82 -1.44
C PRO A 18 -2.03 -4.70 -1.65
N LYS A 19 -0.91 -4.05 -1.80
CA LYS A 19 0.37 -4.78 -2.01
C LYS A 19 0.83 -5.12 -0.60
N THR A 20 1.59 -6.17 -0.54
CA THR A 20 2.12 -6.66 0.76
C THR A 20 3.44 -7.40 0.54
N CYS A 21 4.01 -7.90 1.61
CA CYS A 21 5.29 -8.66 1.48
C CYS A 21 5.04 -9.88 0.58
N GLU A 22 3.78 -10.20 0.46
CA GLU A 22 3.32 -11.35 -0.38
C GLU A 22 3.23 -10.79 -1.82
N THR A 23 2.40 -9.78 -1.85
CA THR A 23 2.03 -9.00 -3.05
C THR A 23 2.99 -7.81 -3.32
N ARG A 24 4.26 -8.10 -3.28
CA ARG A 24 5.30 -7.05 -3.52
C ARG A 24 5.37 -6.59 -4.98
N ASN A 25 4.74 -7.38 -5.81
CA ASN A 25 4.67 -7.13 -7.26
C ASN A 25 4.29 -5.69 -7.69
N LYS A 26 3.60 -4.97 -6.85
CA LYS A 26 3.19 -3.56 -7.16
C LYS A 26 3.91 -2.67 -6.16
N LEU A 27 4.30 -1.53 -6.64
CA LEU A 27 5.03 -0.51 -5.82
C LEU A 27 4.09 0.68 -5.55
N VAL A 28 2.88 0.28 -5.34
CA VAL A 28 1.72 1.18 -5.04
C VAL A 28 0.70 0.26 -4.38
N LEU A 29 -0.17 0.86 -3.60
CA LEU A 29 -1.20 0.06 -2.89
C LEU A 29 -1.80 -0.95 -3.86
N CYS A 30 -2.16 -0.42 -4.99
CA CYS A 30 -2.77 -1.21 -6.09
C CYS A 30 -2.61 -0.42 -7.39
N ASP A 31 -2.91 -1.07 -8.48
CA ASP A 31 -2.78 -0.42 -9.82
C ASP A 31 -4.01 -0.68 -10.73
N LYS A 32 -4.81 -1.64 -10.35
CA LYS A 32 -6.03 -2.01 -11.13
C LYS A 32 -7.04 -0.87 -11.31
N LYS A 33 -7.00 0.10 -10.42
CA LYS A 33 -7.95 1.26 -10.49
C LYS A 33 -7.35 2.46 -9.76
N CYS A 34 -7.92 3.61 -9.98
CA CYS A 34 -7.43 4.84 -9.31
C CYS A 34 -8.35 5.42 -8.23
N ASN A 35 -8.23 4.81 -7.09
CA ASN A 35 -9.05 5.24 -5.90
C ASN A 35 -8.15 6.21 -5.12
N GLN A 36 -8.71 7.35 -4.81
CA GLN A 36 -7.97 8.41 -4.05
C GLN A 36 -8.36 8.24 -2.58
N ARG A 37 -7.64 7.34 -1.97
CA ARG A 37 -7.82 6.99 -0.54
C ARG A 37 -6.41 6.74 0.02
N CYS A 38 -6.35 5.99 1.10
CA CYS A 38 -5.03 5.70 1.71
C CYS A 38 -4.50 4.36 1.17
N GLY A 39 -3.21 4.19 1.32
CA GLY A 39 -2.53 2.95 0.86
C GLY A 39 -1.05 3.04 1.20
N CYS A 40 -0.33 1.98 0.97
CA CYS A 40 1.13 1.99 1.27
C CYS A 40 1.87 3.03 0.44
N ILE A 41 3.01 3.39 0.95
CA ILE A 41 3.87 4.40 0.29
C ILE A 41 4.53 3.72 -0.92
N SER A 42 5.04 4.55 -1.79
CA SER A 42 5.72 4.04 -3.03
C SER A 42 7.11 3.55 -2.66
N GLY A 43 7.19 2.25 -2.57
CA GLY A 43 8.46 1.55 -2.22
C GLY A 43 8.17 0.53 -1.13
N THR A 44 7.14 0.80 -0.37
CA THR A 44 6.76 -0.14 0.73
C THR A 44 5.74 -1.16 0.22
N VAL A 45 5.22 -1.91 1.15
CA VAL A 45 4.20 -2.98 0.93
C VAL A 45 3.57 -3.24 2.29
N LEU A 46 2.26 -3.28 2.32
CA LEU A 46 1.55 -3.52 3.61
C LEU A 46 2.04 -4.86 4.16
N LYS A 47 2.92 -4.76 5.14
CA LYS A 47 3.56 -5.92 5.84
C LYS A 47 2.91 -7.31 5.64
N SER A 48 1.61 -7.39 5.78
CA SER A 48 0.90 -8.69 5.60
C SER A 48 -0.34 -8.48 4.73
N LYS A 49 -0.98 -9.58 4.41
CA LYS A 49 -2.21 -9.61 3.57
C LYS A 49 -3.15 -8.44 3.87
N ASP A 50 -3.10 -7.99 5.10
CA ASP A 50 -3.96 -6.85 5.53
C ASP A 50 -3.47 -6.31 6.90
N SER A 51 -2.23 -5.87 6.92
CA SER A 51 -1.65 -5.32 8.18
C SER A 51 -2.10 -3.83 8.31
N SER A 52 -1.33 -3.03 9.01
CA SER A 52 -1.67 -1.58 9.20
C SER A 52 -0.45 -0.71 8.85
N GLU A 53 0.71 -1.33 8.84
CA GLU A 53 1.97 -0.59 8.51
C GLU A 53 2.63 -1.28 7.31
N CYS A 54 3.20 -0.47 6.47
CA CYS A 54 3.89 -0.99 5.25
C CYS A 54 5.42 -0.87 5.39
N VAL A 55 6.07 -1.92 4.94
CA VAL A 55 7.55 -2.05 4.95
C VAL A 55 8.03 -2.27 3.52
N HIS A 56 9.30 -2.09 3.27
CA HIS A 56 9.81 -2.31 1.88
C HIS A 56 10.11 -3.81 1.72
N PRO A 57 10.23 -4.27 0.49
CA PRO A 57 10.67 -5.65 0.21
C PRO A 57 11.99 -6.00 0.92
N SER A 58 12.79 -4.99 1.12
CA SER A 58 14.11 -5.18 1.80
C SER A 58 13.97 -5.57 3.28
N LYS A 59 12.86 -5.24 3.87
CA LYS A 59 12.64 -5.59 5.32
C LYS A 59 11.86 -6.90 5.33
N CYS A 60 10.94 -7.00 4.41
CA CYS A 60 10.11 -8.23 4.29
C CYS A 60 10.99 -9.47 4.09
#